data_124D
# 
_entry.id   124D 
# 
_audit_conform.dict_name       mmcif_pdbx.dic 
_audit_conform.dict_version    5.392 
_audit_conform.dict_location   http://mmcif.pdb.org/dictionaries/ascii/mmcif_pdbx.dic 
# 
loop_
_database_2.database_id 
_database_2.database_code 
_database_2.pdbx_database_accession 
_database_2.pdbx_DOI 
PDB   124D         pdb_0000124d 10.2210/pdb124d/pdb 
WWPDB D_1000170058 ?            ?                   
# 
loop_
_pdbx_audit_revision_history.ordinal 
_pdbx_audit_revision_history.data_content_type 
_pdbx_audit_revision_history.major_revision 
_pdbx_audit_revision_history.minor_revision 
_pdbx_audit_revision_history.revision_date 
1 'Structure model' 1 0 1993-10-31 
2 'Structure model' 1 1 2008-03-24 
3 'Structure model' 1 2 2011-07-13 
4 'Structure model' 1 3 2022-02-16 
5 'Structure model' 1 4 2024-05-22 
# 
_pdbx_audit_revision_details.ordinal             1 
_pdbx_audit_revision_details.revision_ordinal    1 
_pdbx_audit_revision_details.data_content_type   'Structure model' 
_pdbx_audit_revision_details.provider            repository 
_pdbx_audit_revision_details.type                'Initial release' 
_pdbx_audit_revision_details.description         ? 
_pdbx_audit_revision_details.details             ? 
# 
loop_
_pdbx_audit_revision_group.ordinal 
_pdbx_audit_revision_group.revision_ordinal 
_pdbx_audit_revision_group.data_content_type 
_pdbx_audit_revision_group.group 
1 2 'Structure model' 'Version format compliance' 
2 3 'Structure model' 'Version format compliance' 
3 4 'Structure model' 'Database references'       
4 4 'Structure model' 'Derived calculations'      
5 4 'Structure model' Other                       
6 5 'Structure model' 'Data collection'           
# 
loop_
_pdbx_audit_revision_category.ordinal 
_pdbx_audit_revision_category.revision_ordinal 
_pdbx_audit_revision_category.data_content_type 
_pdbx_audit_revision_category.category 
1 4 'Structure model' database_2            
2 4 'Structure model' pdbx_database_status  
3 4 'Structure model' pdbx_struct_assembly  
4 4 'Structure model' pdbx_struct_oper_list 
5 5 'Structure model' chem_comp_atom        
6 5 'Structure model' chem_comp_bond        
# 
loop_
_pdbx_audit_revision_item.ordinal 
_pdbx_audit_revision_item.revision_ordinal 
_pdbx_audit_revision_item.data_content_type 
_pdbx_audit_revision_item.item 
1 4 'Structure model' '_database_2.pdbx_DOI'                
2 4 'Structure model' '_database_2.pdbx_database_accession' 
3 4 'Structure model' '_pdbx_database_status.process_site'  
# 
_pdbx_database_status.status_code                     REL 
_pdbx_database_status.entry_id                        124D 
_pdbx_database_status.recvd_initial_deposition_date   1993-05-07 
_pdbx_database_status.deposit_site                    ? 
_pdbx_database_status.process_site                    BNL 
_pdbx_database_status.SG_entry                        . 
_pdbx_database_status.pdb_format_compatible           Y 
_pdbx_database_status.status_code_mr                  ? 
_pdbx_database_status.status_code_sf                  ? 
_pdbx_database_status.status_code_cs                  ? 
_pdbx_database_status.status_code_nmr_data            ? 
_pdbx_database_status.methods_development_category    ? 
# 
loop_
_audit_author.name 
_audit_author.pdbx_ordinal 
'Fedoroff, O.Y.' 1 
'Salazar, M.'    2 
'Reid, B.R.'     3 
# 
loop_
_citation.id 
_citation.title 
_citation.journal_abbrev 
_citation.journal_volume 
_citation.page_first 
_citation.page_last 
_citation.year 
_citation.journal_id_ASTM 
_citation.country 
_citation.journal_id_ISSN 
_citation.journal_id_CSD 
_citation.book_publisher 
_citation.pdbx_database_id_PubMed 
_citation.pdbx_database_id_DOI 
primary 'Structure of a DNA:RNA Hybrid Duplex. Why Rnase H Does not Cleave Pure RNA'         J.Mol.Biol.  233 509  523 1993 JMOBAK 
UK 0022-2836 0070 ? 8411159 10.1006/jmbi.1993.1528 
1       'The DNA Strand in DNA-RNA Hybrid Duplexes is Neither B-Form Nor A-Form in Solution' Biochemistry 32  4207 ?   1993 BICHAW 
US 0006-2960 0033 ? ?       ?                      
# 
loop_
_citation_author.citation_id 
_citation_author.name 
_citation_author.ordinal 
_citation_author.identifier_ORCID 
primary 'Fedoroff, O.Y.' 1 ? 
primary 'Salazar, M.'    2 ? 
primary 'Reid, B.R.'     3 ? 
1       'Salazar, M.'    4 ? 
1       'Fedoroff, O.Y.' 5 ? 
1       'Miller, J.M.'   6 ? 
1       'Ribeiro, N.S.'  7 ? 
1       'Reid, B.R.'     8 ? 
# 
loop_
_entity.id 
_entity.type 
_entity.src_method 
_entity.pdbx_description 
_entity.formula_weight 
_entity.pdbx_number_of_molecules 
_entity.pdbx_ec 
_entity.pdbx_mutation 
_entity.pdbx_fragment 
_entity.details 
1 polymer syn 
;DNA (5'-D(*GP*TP*CP*AP*CP*AP*TP*G)-3')
;
2426.617 1 ? ? ? ? 
2 polymer syn 
;RNA (5'-R(*CP*AP*UP*GP*UP*GP*AP*C)-3')
;
2526.561 1 ? ? ? ? 
# 
loop_
_entity_poly.entity_id 
_entity_poly.type 
_entity_poly.nstd_linkage 
_entity_poly.nstd_monomer 
_entity_poly.pdbx_seq_one_letter_code 
_entity_poly.pdbx_seq_one_letter_code_can 
_entity_poly.pdbx_strand_id 
_entity_poly.pdbx_target_identifier 
1 polydeoxyribonucleotide no no '(DG)(DT)(DC)(DA)(DC)(DA)(DT)(DG)' GTCACATG A ? 
2 polyribonucleotide      no no CAUGUGAC                           CAUGUGAC B ? 
# 
loop_
_entity_poly_seq.entity_id 
_entity_poly_seq.num 
_entity_poly_seq.mon_id 
_entity_poly_seq.hetero 
1 1 DG n 
1 2 DT n 
1 3 DC n 
1 4 DA n 
1 5 DC n 
1 6 DA n 
1 7 DT n 
1 8 DG n 
2 1 C  n 
2 2 A  n 
2 3 U  n 
2 4 G  n 
2 5 U  n 
2 6 G  n 
2 7 A  n 
2 8 C  n 
# 
loop_
_pdbx_entity_src_syn.entity_id 
_pdbx_entity_src_syn.pdbx_src_id 
_pdbx_entity_src_syn.pdbx_alt_source_flag 
_pdbx_entity_src_syn.pdbx_beg_seq_num 
_pdbx_entity_src_syn.pdbx_end_seq_num 
_pdbx_entity_src_syn.organism_scientific 
_pdbx_entity_src_syn.organism_common_name 
_pdbx_entity_src_syn.ncbi_taxonomy_id 
_pdbx_entity_src_syn.details 
1 1 sample ? ? ? ? ? 'CHEMICALLY SYNTHESIZED' 
2 1 sample ? ? ? ? ? 'CHEMICALLY SYHTHESIZED' 
# 
loop_
_chem_comp.id 
_chem_comp.type 
_chem_comp.mon_nstd_flag 
_chem_comp.name 
_chem_comp.pdbx_synonyms 
_chem_comp.formula 
_chem_comp.formula_weight 
A  'RNA linking' y "ADENOSINE-5'-MONOPHOSPHATE"         ? 'C10 H14 N5 O7 P' 347.221 
C  'RNA linking' y "CYTIDINE-5'-MONOPHOSPHATE"          ? 'C9 H14 N3 O8 P'  323.197 
DA 'DNA linking' y "2'-DEOXYADENOSINE-5'-MONOPHOSPHATE" ? 'C10 H14 N5 O6 P' 331.222 
DC 'DNA linking' y "2'-DEOXYCYTIDINE-5'-MONOPHOSPHATE"  ? 'C9 H14 N3 O7 P'  307.197 
DG 'DNA linking' y "2'-DEOXYGUANOSINE-5'-MONOPHOSPHATE" ? 'C10 H14 N5 O7 P' 347.221 
DT 'DNA linking' y "THYMIDINE-5'-MONOPHOSPHATE"         ? 'C10 H15 N2 O8 P' 322.208 
G  'RNA linking' y "GUANOSINE-5'-MONOPHOSPHATE"         ? 'C10 H14 N5 O8 P' 363.221 
U  'RNA linking' y "URIDINE-5'-MONOPHOSPHATE"           ? 'C9 H13 N2 O9 P'  324.181 
# 
loop_
_pdbx_poly_seq_scheme.asym_id 
_pdbx_poly_seq_scheme.entity_id 
_pdbx_poly_seq_scheme.seq_id 
_pdbx_poly_seq_scheme.mon_id 
_pdbx_poly_seq_scheme.ndb_seq_num 
_pdbx_poly_seq_scheme.pdb_seq_num 
_pdbx_poly_seq_scheme.auth_seq_num 
_pdbx_poly_seq_scheme.pdb_mon_id 
_pdbx_poly_seq_scheme.auth_mon_id 
_pdbx_poly_seq_scheme.pdb_strand_id 
_pdbx_poly_seq_scheme.pdb_ins_code 
_pdbx_poly_seq_scheme.hetero 
A 1 1 DG 1 1  1  DG G A . n 
A 1 2 DT 2 2  2  DT T A . n 
A 1 3 DC 3 3  3  DC C A . n 
A 1 4 DA 4 4  4  DA A A . n 
A 1 5 DC 5 5  5  DC C A . n 
A 1 6 DA 6 6  6  DA A A . n 
A 1 7 DT 7 7  7  DT T A . n 
A 1 8 DG 8 8  8  DG G A . n 
B 2 1 C  1 9  9  C  C B . n 
B 2 2 A  2 10 10 A  A B . n 
B 2 3 U  3 11 11 U  U B . n 
B 2 4 G  4 12 12 G  G B . n 
B 2 5 U  5 13 13 U  U B . n 
B 2 6 G  6 14 14 G  G B . n 
B 2 7 A  7 15 15 A  A B . n 
B 2 8 C  8 16 16 C  C B . n 
# 
_cell.entry_id           124D 
_cell.length_a           1.000 
_cell.length_b           1.000 
_cell.length_c           1.000 
_cell.angle_alpha        90.00 
_cell.angle_beta         90.00 
_cell.angle_gamma        90.00 
_cell.Z_PDB              1 
_cell.pdbx_unique_axis   ? 
# 
_symmetry.entry_id                         124D 
_symmetry.space_group_name_H-M             'P 1' 
_symmetry.pdbx_full_space_group_name_H-M   ? 
_symmetry.cell_setting                     ? 
_symmetry.Int_Tables_number                1 
# 
_exptl.entry_id          124D 
_exptl.method            'SOLUTION NMR' 
_exptl.crystals_number   ? 
# 
_struct.entry_id                  124D 
_struct.title                     'STRUCTURE OF A DNA:RNA HYBRID DUPLEX: WHY RNASE H DOES NOT CLEAVE PURE RNA' 
_struct.pdbx_model_details        ? 
_struct.pdbx_CASP_flag            ? 
_struct.pdbx_model_type_details   ? 
# 
_struct_keywords.entry_id        124D 
_struct_keywords.pdbx_keywords   'DNA-RNA HYBRID' 
_struct_keywords.text            'DNA-RNA COMPLEX, DOUBLE HELIX, DNA-RNA HYBRID' 
# 
loop_
_struct_asym.id 
_struct_asym.pdbx_blank_PDB_chainid_flag 
_struct_asym.pdbx_modified 
_struct_asym.entity_id 
_struct_asym.details 
A N N 1 ? 
B N N 2 ? 
# 
loop_
_struct_ref.id 
_struct_ref.entity_id 
_struct_ref.db_name 
_struct_ref.db_code 
_struct_ref.pdbx_db_accession 
_struct_ref.pdbx_db_isoform 
_struct_ref.pdbx_seq_one_letter_code 
_struct_ref.pdbx_align_begin 
1 1 PDB 124D 124D ? ? ? 
2 2 PDB 124D 124D ? ? ? 
# 
loop_
_struct_ref_seq.align_id 
_struct_ref_seq.ref_id 
_struct_ref_seq.pdbx_PDB_id_code 
_struct_ref_seq.pdbx_strand_id 
_struct_ref_seq.seq_align_beg 
_struct_ref_seq.pdbx_seq_align_beg_ins_code 
_struct_ref_seq.seq_align_end 
_struct_ref_seq.pdbx_seq_align_end_ins_code 
_struct_ref_seq.pdbx_db_accession 
_struct_ref_seq.db_align_beg 
_struct_ref_seq.pdbx_db_align_beg_ins_code 
_struct_ref_seq.db_align_end 
_struct_ref_seq.pdbx_db_align_end_ins_code 
_struct_ref_seq.pdbx_auth_seq_align_beg 
_struct_ref_seq.pdbx_auth_seq_align_end 
1 1 124D A 1 ? 8 ? 124D 1 ? 8  ? 1 8  
2 2 124D B 1 ? 8 ? 124D 9 ? 16 ? 9 16 
# 
_pdbx_struct_assembly.id                   1 
_pdbx_struct_assembly.details              author_defined_assembly 
_pdbx_struct_assembly.method_details       ? 
_pdbx_struct_assembly.oligomeric_details   dimeric 
_pdbx_struct_assembly.oligomeric_count     2 
# 
_pdbx_struct_assembly_gen.assembly_id       1 
_pdbx_struct_assembly_gen.oper_expression   1 
_pdbx_struct_assembly_gen.asym_id_list      A,B 
# 
_pdbx_struct_oper_list.id                   1 
_pdbx_struct_oper_list.type                 'identity operation' 
_pdbx_struct_oper_list.name                 1_555 
_pdbx_struct_oper_list.symmetry_operation   x,y,z 
_pdbx_struct_oper_list.matrix[1][1]         1.0000000000 
_pdbx_struct_oper_list.matrix[1][2]         0.0000000000 
_pdbx_struct_oper_list.matrix[1][3]         0.0000000000 
_pdbx_struct_oper_list.vector[1]            0.0000000000 
_pdbx_struct_oper_list.matrix[2][1]         0.0000000000 
_pdbx_struct_oper_list.matrix[2][2]         1.0000000000 
_pdbx_struct_oper_list.matrix[2][3]         0.0000000000 
_pdbx_struct_oper_list.vector[2]            0.0000000000 
_pdbx_struct_oper_list.matrix[3][1]         0.0000000000 
_pdbx_struct_oper_list.matrix[3][2]         0.0000000000 
_pdbx_struct_oper_list.matrix[3][3]         1.0000000000 
_pdbx_struct_oper_list.vector[3]            0.0000000000 
# 
_struct_biol.id   1 
# 
loop_
_struct_conn.id 
_struct_conn.conn_type_id 
_struct_conn.pdbx_leaving_atom_flag 
_struct_conn.pdbx_PDB_id 
_struct_conn.ptnr1_label_asym_id 
_struct_conn.ptnr1_label_comp_id 
_struct_conn.ptnr1_label_seq_id 
_struct_conn.ptnr1_label_atom_id 
_struct_conn.pdbx_ptnr1_label_alt_id 
_struct_conn.pdbx_ptnr1_PDB_ins_code 
_struct_conn.pdbx_ptnr1_standard_comp_id 
_struct_conn.ptnr1_symmetry 
_struct_conn.ptnr2_label_asym_id 
_struct_conn.ptnr2_label_comp_id 
_struct_conn.ptnr2_label_seq_id 
_struct_conn.ptnr2_label_atom_id 
_struct_conn.pdbx_ptnr2_label_alt_id 
_struct_conn.pdbx_ptnr2_PDB_ins_code 
_struct_conn.ptnr1_auth_asym_id 
_struct_conn.ptnr1_auth_comp_id 
_struct_conn.ptnr1_auth_seq_id 
_struct_conn.ptnr2_auth_asym_id 
_struct_conn.ptnr2_auth_comp_id 
_struct_conn.ptnr2_auth_seq_id 
_struct_conn.ptnr2_symmetry 
_struct_conn.pdbx_ptnr3_label_atom_id 
_struct_conn.pdbx_ptnr3_label_seq_id 
_struct_conn.pdbx_ptnr3_label_comp_id 
_struct_conn.pdbx_ptnr3_label_asym_id 
_struct_conn.pdbx_ptnr3_label_alt_id 
_struct_conn.pdbx_ptnr3_PDB_ins_code 
_struct_conn.details 
_struct_conn.pdbx_dist_value 
_struct_conn.pdbx_value_order 
_struct_conn.pdbx_role 
hydrog1  hydrog ? ? A DG 1 N1 ? ? ? 1_555 B C 8 N3 ? ? A DG 1 B C 16 1_555 ? ? ? ? ? ? WATSON-CRICK ? ? ? 
hydrog2  hydrog ? ? A DG 1 N2 ? ? ? 1_555 B C 8 O2 ? ? A DG 1 B C 16 1_555 ? ? ? ? ? ? WATSON-CRICK ? ? ? 
hydrog3  hydrog ? ? A DG 1 O6 ? ? ? 1_555 B C 8 N4 ? ? A DG 1 B C 16 1_555 ? ? ? ? ? ? WATSON-CRICK ? ? ? 
hydrog4  hydrog ? ? A DT 2 N3 ? ? ? 1_555 B A 7 N1 ? ? A DT 2 B A 15 1_555 ? ? ? ? ? ? WATSON-CRICK ? ? ? 
hydrog5  hydrog ? ? A DT 2 O4 ? ? ? 1_555 B A 7 N6 ? ? A DT 2 B A 15 1_555 ? ? ? ? ? ? WATSON-CRICK ? ? ? 
hydrog6  hydrog ? ? A DC 3 N3 ? ? ? 1_555 B G 6 N1 ? ? A DC 3 B G 14 1_555 ? ? ? ? ? ? WATSON-CRICK ? ? ? 
hydrog7  hydrog ? ? A DC 3 N4 ? ? ? 1_555 B G 6 O6 ? ? A DC 3 B G 14 1_555 ? ? ? ? ? ? WATSON-CRICK ? ? ? 
hydrog8  hydrog ? ? A DC 3 O2 ? ? ? 1_555 B G 6 N2 ? ? A DC 3 B G 14 1_555 ? ? ? ? ? ? WATSON-CRICK ? ? ? 
hydrog9  hydrog ? ? A DA 4 N1 ? ? ? 1_555 B U 5 N3 ? ? A DA 4 B U 13 1_555 ? ? ? ? ? ? WATSON-CRICK ? ? ? 
hydrog10 hydrog ? ? A DA 4 N6 ? ? ? 1_555 B U 5 O4 ? ? A DA 4 B U 13 1_555 ? ? ? ? ? ? WATSON-CRICK ? ? ? 
hydrog11 hydrog ? ? A DC 5 N3 ? ? ? 1_555 B G 4 N1 ? ? A DC 5 B G 12 1_555 ? ? ? ? ? ? WATSON-CRICK ? ? ? 
hydrog12 hydrog ? ? A DC 5 N4 ? ? ? 1_555 B G 4 O6 ? ? A DC 5 B G 12 1_555 ? ? ? ? ? ? WATSON-CRICK ? ? ? 
hydrog13 hydrog ? ? A DC 5 O2 ? ? ? 1_555 B G 4 N2 ? ? A DC 5 B G 12 1_555 ? ? ? ? ? ? WATSON-CRICK ? ? ? 
hydrog14 hydrog ? ? A DA 6 N1 ? ? ? 1_555 B U 3 N3 ? ? A DA 6 B U 11 1_555 ? ? ? ? ? ? WATSON-CRICK ? ? ? 
hydrog15 hydrog ? ? A DA 6 N6 ? ? ? 1_555 B U 3 O4 ? ? A DA 6 B U 11 1_555 ? ? ? ? ? ? WATSON-CRICK ? ? ? 
hydrog16 hydrog ? ? A DT 7 N3 ? ? ? 1_555 B A 2 N1 ? ? A DT 7 B A 10 1_555 ? ? ? ? ? ? WATSON-CRICK ? ? ? 
hydrog17 hydrog ? ? A DT 7 O4 ? ? ? 1_555 B A 2 N6 ? ? A DT 7 B A 10 1_555 ? ? ? ? ? ? WATSON-CRICK ? ? ? 
hydrog18 hydrog ? ? A DG 8 N1 ? ? ? 1_555 B C 1 N3 ? ? A DG 8 B C 9  1_555 ? ? ? ? ? ? WATSON-CRICK ? ? ? 
hydrog19 hydrog ? ? A DG 8 N2 ? ? ? 1_555 B C 1 O2 ? ? A DG 8 B C 9  1_555 ? ? ? ? ? ? WATSON-CRICK ? ? ? 
hydrog20 hydrog ? ? A DG 8 O6 ? ? ? 1_555 B C 1 N4 ? ? A DG 8 B C 9  1_555 ? ? ? ? ? ? WATSON-CRICK ? ? ? 
# 
_struct_conn_type.id          hydrog 
_struct_conn_type.criteria    ? 
_struct_conn_type.reference   ? 
# 
loop_
_pdbx_validate_rmsd_angle.id 
_pdbx_validate_rmsd_angle.PDB_model_num 
_pdbx_validate_rmsd_angle.auth_atom_id_1 
_pdbx_validate_rmsd_angle.auth_asym_id_1 
_pdbx_validate_rmsd_angle.auth_comp_id_1 
_pdbx_validate_rmsd_angle.auth_seq_id_1 
_pdbx_validate_rmsd_angle.PDB_ins_code_1 
_pdbx_validate_rmsd_angle.label_alt_id_1 
_pdbx_validate_rmsd_angle.auth_atom_id_2 
_pdbx_validate_rmsd_angle.auth_asym_id_2 
_pdbx_validate_rmsd_angle.auth_comp_id_2 
_pdbx_validate_rmsd_angle.auth_seq_id_2 
_pdbx_validate_rmsd_angle.PDB_ins_code_2 
_pdbx_validate_rmsd_angle.label_alt_id_2 
_pdbx_validate_rmsd_angle.auth_atom_id_3 
_pdbx_validate_rmsd_angle.auth_asym_id_3 
_pdbx_validate_rmsd_angle.auth_comp_id_3 
_pdbx_validate_rmsd_angle.auth_seq_id_3 
_pdbx_validate_rmsd_angle.PDB_ins_code_3 
_pdbx_validate_rmsd_angle.label_alt_id_3 
_pdbx_validate_rmsd_angle.angle_value 
_pdbx_validate_rmsd_angle.angle_target_value 
_pdbx_validate_rmsd_angle.angle_deviation 
_pdbx_validate_rmsd_angle.angle_standard_deviation 
_pdbx_validate_rmsd_angle.linker_flag 
1  1 "O4'" A DG 1  ? ? "C1'" A DG 1  ? ? N9    A DG 1  ? ? 111.60 108.30 3.30 0.30 N 
2  1 "O4'" A DT 2  ? ? "C1'" A DT 2  ? ? N1    A DT 2  ? ? 111.21 108.30 2.91 0.30 N 
3  1 "O4'" A DC 3  ? ? "C1'" A DC 3  ? ? N1    A DC 3  ? ? 113.37 108.30 5.07 0.30 N 
4  1 "O4'" A DA 4  ? ? "C1'" A DA 4  ? ? N9    A DA 4  ? ? 112.82 108.30 4.52 0.30 N 
5  1 "O4'" A DC 5  ? ? "C1'" A DC 5  ? ? N1    A DC 5  ? ? 113.91 108.30 5.61 0.30 N 
6  1 "O4'" A DA 6  ? ? "C1'" A DA 6  ? ? N9    A DA 6  ? ? 111.83 108.30 3.53 0.30 N 
7  1 "O4'" A DT 7  ? ? "C1'" A DT 7  ? ? N1    A DT 7  ? ? 111.02 108.30 2.72 0.30 N 
8  1 "O4'" A DG 8  ? ? "C1'" A DG 8  ? ? N9    A DG 8  ? ? 110.60 108.30 2.30 0.30 N 
9  1 "C5'" B U  11 ? ? "C4'" B U  11 ? ? "O4'" B U  11 ? ? 115.36 109.80 5.56 0.90 N 
10 1 "O4'" B U  11 ? ? "C1'" B U  11 ? ? N1    B U  11 ? ? 113.87 108.50 5.37 0.70 N 
11 1 "C5'" B G  12 ? ? "C4'" B G  12 ? ? "O4'" B G  12 ? ? 117.05 109.80 7.25 0.90 N 
12 1 "C5'" B U  13 ? ? "C4'" B U  13 ? ? "O4'" B U  13 ? ? 116.95 109.80 7.15 0.90 N 
13 1 "O4'" B U  13 ? ? "C1'" B U  13 ? ? N1    B U  13 ? ? 113.44 108.50 4.94 0.70 N 
14 1 "C5'" B G  14 ? ? "C4'" B G  14 ? ? "O4'" B G  14 ? ? 115.96 109.80 6.16 0.90 N 
# 
loop_
_pdbx_validate_planes.id 
_pdbx_validate_planes.PDB_model_num 
_pdbx_validate_planes.auth_comp_id 
_pdbx_validate_planes.auth_asym_id 
_pdbx_validate_planes.auth_seq_id 
_pdbx_validate_planes.PDB_ins_code 
_pdbx_validate_planes.label_alt_id 
_pdbx_validate_planes.rmsd 
_pdbx_validate_planes.type 
1 1 C B 9  ? ? 0.071 'SIDE CHAIN' 
2 1 A B 10 ? ? 0.082 'SIDE CHAIN' 
3 1 C B 16 ? ? 0.079 'SIDE CHAIN' 
# 
_pdbx_nmr_ensemble.entry_id                                      124D 
_pdbx_nmr_ensemble.conformers_calculated_total_number            1 
_pdbx_nmr_ensemble.conformers_submitted_total_number             1 
_pdbx_nmr_ensemble.conformer_selection_criteria                  ? 
_pdbx_nmr_ensemble.average_constraints_per_residue               ? 
_pdbx_nmr_ensemble.average_constraint_violations_per_residue     ? 
_pdbx_nmr_ensemble.maximum_distance_constraint_violation         ? 
_pdbx_nmr_ensemble.average_distance_constraint_violation         ? 
_pdbx_nmr_ensemble.maximum_upper_distance_constraint_violation   ? 
_pdbx_nmr_ensemble.maximum_lower_distance_constraint_violation   ? 
_pdbx_nmr_ensemble.distance_constraint_violation_method          ? 
_pdbx_nmr_ensemble.maximum_torsion_angle_constraint_violation    ? 
_pdbx_nmr_ensemble.average_torsion_angle_constraint_violation    ? 
_pdbx_nmr_ensemble.torsion_angle_constraint_violation_method     ? 
# 
_pdbx_nmr_refine.entry_id           124D 
_pdbx_nmr_refine.method             'RESTRAINED MOLECULAR DYNAMICS/NOESY SIMULATION REFINEMENT' 
_pdbx_nmr_refine.details            '132 NOE RESTRAINTS AND 20 HYDROGEN BONDS WERE USED.' 
_pdbx_nmr_refine.software_ordinal   1 
# 
loop_
_chem_comp_atom.comp_id 
_chem_comp_atom.atom_id 
_chem_comp_atom.type_symbol 
_chem_comp_atom.pdbx_aromatic_flag 
_chem_comp_atom.pdbx_stereo_config 
_chem_comp_atom.pdbx_ordinal 
A  OP3    O N N 1   
A  P      P N N 2   
A  OP1    O N N 3   
A  OP2    O N N 4   
A  "O5'"  O N N 5   
A  "C5'"  C N N 6   
A  "C4'"  C N R 7   
A  "O4'"  O N N 8   
A  "C3'"  C N S 9   
A  "O3'"  O N N 10  
A  "C2'"  C N R 11  
A  "O2'"  O N N 12  
A  "C1'"  C N R 13  
A  N9     N Y N 14  
A  C8     C Y N 15  
A  N7     N Y N 16  
A  C5     C Y N 17  
A  C6     C Y N 18  
A  N6     N N N 19  
A  N1     N Y N 20  
A  C2     C Y N 21  
A  N3     N Y N 22  
A  C4     C Y N 23  
A  HOP3   H N N 24  
A  HOP2   H N N 25  
A  "H5'"  H N N 26  
A  "H5''" H N N 27  
A  "H4'"  H N N 28  
A  "H3'"  H N N 29  
A  "HO3'" H N N 30  
A  "H2'"  H N N 31  
A  "HO2'" H N N 32  
A  "H1'"  H N N 33  
A  H8     H N N 34  
A  H61    H N N 35  
A  H62    H N N 36  
A  H2     H N N 37  
C  OP3    O N N 38  
C  P      P N N 39  
C  OP1    O N N 40  
C  OP2    O N N 41  
C  "O5'"  O N N 42  
C  "C5'"  C N N 43  
C  "C4'"  C N R 44  
C  "O4'"  O N N 45  
C  "C3'"  C N S 46  
C  "O3'"  O N N 47  
C  "C2'"  C N R 48  
C  "O2'"  O N N 49  
C  "C1'"  C N R 50  
C  N1     N N N 51  
C  C2     C N N 52  
C  O2     O N N 53  
C  N3     N N N 54  
C  C4     C N N 55  
C  N4     N N N 56  
C  C5     C N N 57  
C  C6     C N N 58  
C  HOP3   H N N 59  
C  HOP2   H N N 60  
C  "H5'"  H N N 61  
C  "H5''" H N N 62  
C  "H4'"  H N N 63  
C  "H3'"  H N N 64  
C  "HO3'" H N N 65  
C  "H2'"  H N N 66  
C  "HO2'" H N N 67  
C  "H1'"  H N N 68  
C  H41    H N N 69  
C  H42    H N N 70  
C  H5     H N N 71  
C  H6     H N N 72  
DA OP3    O N N 73  
DA P      P N N 74  
DA OP1    O N N 75  
DA OP2    O N N 76  
DA "O5'"  O N N 77  
DA "C5'"  C N N 78  
DA "C4'"  C N R 79  
DA "O4'"  O N N 80  
DA "C3'"  C N S 81  
DA "O3'"  O N N 82  
DA "C2'"  C N N 83  
DA "C1'"  C N R 84  
DA N9     N Y N 85  
DA C8     C Y N 86  
DA N7     N Y N 87  
DA C5     C Y N 88  
DA C6     C Y N 89  
DA N6     N N N 90  
DA N1     N Y N 91  
DA C2     C Y N 92  
DA N3     N Y N 93  
DA C4     C Y N 94  
DA HOP3   H N N 95  
DA HOP2   H N N 96  
DA "H5'"  H N N 97  
DA "H5''" H N N 98  
DA "H4'"  H N N 99  
DA "H3'"  H N N 100 
DA "HO3'" H N N 101 
DA "H2'"  H N N 102 
DA "H2''" H N N 103 
DA "H1'"  H N N 104 
DA H8     H N N 105 
DA H61    H N N 106 
DA H62    H N N 107 
DA H2     H N N 108 
DC OP3    O N N 109 
DC P      P N N 110 
DC OP1    O N N 111 
DC OP2    O N N 112 
DC "O5'"  O N N 113 
DC "C5'"  C N N 114 
DC "C4'"  C N R 115 
DC "O4'"  O N N 116 
DC "C3'"  C N S 117 
DC "O3'"  O N N 118 
DC "C2'"  C N N 119 
DC "C1'"  C N R 120 
DC N1     N N N 121 
DC C2     C N N 122 
DC O2     O N N 123 
DC N3     N N N 124 
DC C4     C N N 125 
DC N4     N N N 126 
DC C5     C N N 127 
DC C6     C N N 128 
DC HOP3   H N N 129 
DC HOP2   H N N 130 
DC "H5'"  H N N 131 
DC "H5''" H N N 132 
DC "H4'"  H N N 133 
DC "H3'"  H N N 134 
DC "HO3'" H N N 135 
DC "H2'"  H N N 136 
DC "H2''" H N N 137 
DC "H1'"  H N N 138 
DC H41    H N N 139 
DC H42    H N N 140 
DC H5     H N N 141 
DC H6     H N N 142 
DG OP3    O N N 143 
DG P      P N N 144 
DG OP1    O N N 145 
DG OP2    O N N 146 
DG "O5'"  O N N 147 
DG "C5'"  C N N 148 
DG "C4'"  C N R 149 
DG "O4'"  O N N 150 
DG "C3'"  C N S 151 
DG "O3'"  O N N 152 
DG "C2'"  C N N 153 
DG "C1'"  C N R 154 
DG N9     N Y N 155 
DG C8     C Y N 156 
DG N7     N Y N 157 
DG C5     C Y N 158 
DG C6     C N N 159 
DG O6     O N N 160 
DG N1     N N N 161 
DG C2     C N N 162 
DG N2     N N N 163 
DG N3     N N N 164 
DG C4     C Y N 165 
DG HOP3   H N N 166 
DG HOP2   H N N 167 
DG "H5'"  H N N 168 
DG "H5''" H N N 169 
DG "H4'"  H N N 170 
DG "H3'"  H N N 171 
DG "HO3'" H N N 172 
DG "H2'"  H N N 173 
DG "H2''" H N N 174 
DG "H1'"  H N N 175 
DG H8     H N N 176 
DG H1     H N N 177 
DG H21    H N N 178 
DG H22    H N N 179 
DT OP3    O N N 180 
DT P      P N N 181 
DT OP1    O N N 182 
DT OP2    O N N 183 
DT "O5'"  O N N 184 
DT "C5'"  C N N 185 
DT "C4'"  C N R 186 
DT "O4'"  O N N 187 
DT "C3'"  C N S 188 
DT "O3'"  O N N 189 
DT "C2'"  C N N 190 
DT "C1'"  C N R 191 
DT N1     N N N 192 
DT C2     C N N 193 
DT O2     O N N 194 
DT N3     N N N 195 
DT C4     C N N 196 
DT O4     O N N 197 
DT C5     C N N 198 
DT C7     C N N 199 
DT C6     C N N 200 
DT HOP3   H N N 201 
DT HOP2   H N N 202 
DT "H5'"  H N N 203 
DT "H5''" H N N 204 
DT "H4'"  H N N 205 
DT "H3'"  H N N 206 
DT "HO3'" H N N 207 
DT "H2'"  H N N 208 
DT "H2''" H N N 209 
DT "H1'"  H N N 210 
DT H3     H N N 211 
DT H71    H N N 212 
DT H72    H N N 213 
DT H73    H N N 214 
DT H6     H N N 215 
G  OP3    O N N 216 
G  P      P N N 217 
G  OP1    O N N 218 
G  OP2    O N N 219 
G  "O5'"  O N N 220 
G  "C5'"  C N N 221 
G  "C4'"  C N R 222 
G  "O4'"  O N N 223 
G  "C3'"  C N S 224 
G  "O3'"  O N N 225 
G  "C2'"  C N R 226 
G  "O2'"  O N N 227 
G  "C1'"  C N R 228 
G  N9     N Y N 229 
G  C8     C Y N 230 
G  N7     N Y N 231 
G  C5     C Y N 232 
G  C6     C N N 233 
G  O6     O N N 234 
G  N1     N N N 235 
G  C2     C N N 236 
G  N2     N N N 237 
G  N3     N N N 238 
G  C4     C Y N 239 
G  HOP3   H N N 240 
G  HOP2   H N N 241 
G  "H5'"  H N N 242 
G  "H5''" H N N 243 
G  "H4'"  H N N 244 
G  "H3'"  H N N 245 
G  "HO3'" H N N 246 
G  "H2'"  H N N 247 
G  "HO2'" H N N 248 
G  "H1'"  H N N 249 
G  H8     H N N 250 
G  H1     H N N 251 
G  H21    H N N 252 
G  H22    H N N 253 
U  OP3    O N N 254 
U  P      P N N 255 
U  OP1    O N N 256 
U  OP2    O N N 257 
U  "O5'"  O N N 258 
U  "C5'"  C N N 259 
U  "C4'"  C N R 260 
U  "O4'"  O N N 261 
U  "C3'"  C N S 262 
U  "O3'"  O N N 263 
U  "C2'"  C N R 264 
U  "O2'"  O N N 265 
U  "C1'"  C N R 266 
U  N1     N N N 267 
U  C2     C N N 268 
U  O2     O N N 269 
U  N3     N N N 270 
U  C4     C N N 271 
U  O4     O N N 272 
U  C5     C N N 273 
U  C6     C N N 274 
U  HOP3   H N N 275 
U  HOP2   H N N 276 
U  "H5'"  H N N 277 
U  "H5''" H N N 278 
U  "H4'"  H N N 279 
U  "H3'"  H N N 280 
U  "HO3'" H N N 281 
U  "H2'"  H N N 282 
U  "HO2'" H N N 283 
U  "H1'"  H N N 284 
U  H3     H N N 285 
U  H5     H N N 286 
U  H6     H N N 287 
# 
loop_
_chem_comp_bond.comp_id 
_chem_comp_bond.atom_id_1 
_chem_comp_bond.atom_id_2 
_chem_comp_bond.value_order 
_chem_comp_bond.pdbx_aromatic_flag 
_chem_comp_bond.pdbx_stereo_config 
_chem_comp_bond.pdbx_ordinal 
A  OP3   P      sing N N 1   
A  OP3   HOP3   sing N N 2   
A  P     OP1    doub N N 3   
A  P     OP2    sing N N 4   
A  P     "O5'"  sing N N 5   
A  OP2   HOP2   sing N N 6   
A  "O5'" "C5'"  sing N N 7   
A  "C5'" "C4'"  sing N N 8   
A  "C5'" "H5'"  sing N N 9   
A  "C5'" "H5''" sing N N 10  
A  "C4'" "O4'"  sing N N 11  
A  "C4'" "C3'"  sing N N 12  
A  "C4'" "H4'"  sing N N 13  
A  "O4'" "C1'"  sing N N 14  
A  "C3'" "O3'"  sing N N 15  
A  "C3'" "C2'"  sing N N 16  
A  "C3'" "H3'"  sing N N 17  
A  "O3'" "HO3'" sing N N 18  
A  "C2'" "O2'"  sing N N 19  
A  "C2'" "C1'"  sing N N 20  
A  "C2'" "H2'"  sing N N 21  
A  "O2'" "HO2'" sing N N 22  
A  "C1'" N9     sing N N 23  
A  "C1'" "H1'"  sing N N 24  
A  N9    C8     sing Y N 25  
A  N9    C4     sing Y N 26  
A  C8    N7     doub Y N 27  
A  C8    H8     sing N N 28  
A  N7    C5     sing Y N 29  
A  C5    C6     sing Y N 30  
A  C5    C4     doub Y N 31  
A  C6    N6     sing N N 32  
A  C6    N1     doub Y N 33  
A  N6    H61    sing N N 34  
A  N6    H62    sing N N 35  
A  N1    C2     sing Y N 36  
A  C2    N3     doub Y N 37  
A  C2    H2     sing N N 38  
A  N3    C4     sing Y N 39  
C  OP3   P      sing N N 40  
C  OP3   HOP3   sing N N 41  
C  P     OP1    doub N N 42  
C  P     OP2    sing N N 43  
C  P     "O5'"  sing N N 44  
C  OP2   HOP2   sing N N 45  
C  "O5'" "C5'"  sing N N 46  
C  "C5'" "C4'"  sing N N 47  
C  "C5'" "H5'"  sing N N 48  
C  "C5'" "H5''" sing N N 49  
C  "C4'" "O4'"  sing N N 50  
C  "C4'" "C3'"  sing N N 51  
C  "C4'" "H4'"  sing N N 52  
C  "O4'" "C1'"  sing N N 53  
C  "C3'" "O3'"  sing N N 54  
C  "C3'" "C2'"  sing N N 55  
C  "C3'" "H3'"  sing N N 56  
C  "O3'" "HO3'" sing N N 57  
C  "C2'" "O2'"  sing N N 58  
C  "C2'" "C1'"  sing N N 59  
C  "C2'" "H2'"  sing N N 60  
C  "O2'" "HO2'" sing N N 61  
C  "C1'" N1     sing N N 62  
C  "C1'" "H1'"  sing N N 63  
C  N1    C2     sing N N 64  
C  N1    C6     sing N N 65  
C  C2    O2     doub N N 66  
C  C2    N3     sing N N 67  
C  N3    C4     doub N N 68  
C  C4    N4     sing N N 69  
C  C4    C5     sing N N 70  
C  N4    H41    sing N N 71  
C  N4    H42    sing N N 72  
C  C5    C6     doub N N 73  
C  C5    H5     sing N N 74  
C  C6    H6     sing N N 75  
DA OP3   P      sing N N 76  
DA OP3   HOP3   sing N N 77  
DA P     OP1    doub N N 78  
DA P     OP2    sing N N 79  
DA P     "O5'"  sing N N 80  
DA OP2   HOP2   sing N N 81  
DA "O5'" "C5'"  sing N N 82  
DA "C5'" "C4'"  sing N N 83  
DA "C5'" "H5'"  sing N N 84  
DA "C5'" "H5''" sing N N 85  
DA "C4'" "O4'"  sing N N 86  
DA "C4'" "C3'"  sing N N 87  
DA "C4'" "H4'"  sing N N 88  
DA "O4'" "C1'"  sing N N 89  
DA "C3'" "O3'"  sing N N 90  
DA "C3'" "C2'"  sing N N 91  
DA "C3'" "H3'"  sing N N 92  
DA "O3'" "HO3'" sing N N 93  
DA "C2'" "C1'"  sing N N 94  
DA "C2'" "H2'"  sing N N 95  
DA "C2'" "H2''" sing N N 96  
DA "C1'" N9     sing N N 97  
DA "C1'" "H1'"  sing N N 98  
DA N9    C8     sing Y N 99  
DA N9    C4     sing Y N 100 
DA C8    N7     doub Y N 101 
DA C8    H8     sing N N 102 
DA N7    C5     sing Y N 103 
DA C5    C6     sing Y N 104 
DA C5    C4     doub Y N 105 
DA C6    N6     sing N N 106 
DA C6    N1     doub Y N 107 
DA N6    H61    sing N N 108 
DA N6    H62    sing N N 109 
DA N1    C2     sing Y N 110 
DA C2    N3     doub Y N 111 
DA C2    H2     sing N N 112 
DA N3    C4     sing Y N 113 
DC OP3   P      sing N N 114 
DC OP3   HOP3   sing N N 115 
DC P     OP1    doub N N 116 
DC P     OP2    sing N N 117 
DC P     "O5'"  sing N N 118 
DC OP2   HOP2   sing N N 119 
DC "O5'" "C5'"  sing N N 120 
DC "C5'" "C4'"  sing N N 121 
DC "C5'" "H5'"  sing N N 122 
DC "C5'" "H5''" sing N N 123 
DC "C4'" "O4'"  sing N N 124 
DC "C4'" "C3'"  sing N N 125 
DC "C4'" "H4'"  sing N N 126 
DC "O4'" "C1'"  sing N N 127 
DC "C3'" "O3'"  sing N N 128 
DC "C3'" "C2'"  sing N N 129 
DC "C3'" "H3'"  sing N N 130 
DC "O3'" "HO3'" sing N N 131 
DC "C2'" "C1'"  sing N N 132 
DC "C2'" "H2'"  sing N N 133 
DC "C2'" "H2''" sing N N 134 
DC "C1'" N1     sing N N 135 
DC "C1'" "H1'"  sing N N 136 
DC N1    C2     sing N N 137 
DC N1    C6     sing N N 138 
DC C2    O2     doub N N 139 
DC C2    N3     sing N N 140 
DC N3    C4     doub N N 141 
DC C4    N4     sing N N 142 
DC C4    C5     sing N N 143 
DC N4    H41    sing N N 144 
DC N4    H42    sing N N 145 
DC C5    C6     doub N N 146 
DC C5    H5     sing N N 147 
DC C6    H6     sing N N 148 
DG OP3   P      sing N N 149 
DG OP3   HOP3   sing N N 150 
DG P     OP1    doub N N 151 
DG P     OP2    sing N N 152 
DG P     "O5'"  sing N N 153 
DG OP2   HOP2   sing N N 154 
DG "O5'" "C5'"  sing N N 155 
DG "C5'" "C4'"  sing N N 156 
DG "C5'" "H5'"  sing N N 157 
DG "C5'" "H5''" sing N N 158 
DG "C4'" "O4'"  sing N N 159 
DG "C4'" "C3'"  sing N N 160 
DG "C4'" "H4'"  sing N N 161 
DG "O4'" "C1'"  sing N N 162 
DG "C3'" "O3'"  sing N N 163 
DG "C3'" "C2'"  sing N N 164 
DG "C3'" "H3'"  sing N N 165 
DG "O3'" "HO3'" sing N N 166 
DG "C2'" "C1'"  sing N N 167 
DG "C2'" "H2'"  sing N N 168 
DG "C2'" "H2''" sing N N 169 
DG "C1'" N9     sing N N 170 
DG "C1'" "H1'"  sing N N 171 
DG N9    C8     sing Y N 172 
DG N9    C4     sing Y N 173 
DG C8    N7     doub Y N 174 
DG C8    H8     sing N N 175 
DG N7    C5     sing Y N 176 
DG C5    C6     sing N N 177 
DG C5    C4     doub Y N 178 
DG C6    O6     doub N N 179 
DG C6    N1     sing N N 180 
DG N1    C2     sing N N 181 
DG N1    H1     sing N N 182 
DG C2    N2     sing N N 183 
DG C2    N3     doub N N 184 
DG N2    H21    sing N N 185 
DG N2    H22    sing N N 186 
DG N3    C4     sing N N 187 
DT OP3   P      sing N N 188 
DT OP3   HOP3   sing N N 189 
DT P     OP1    doub N N 190 
DT P     OP2    sing N N 191 
DT P     "O5'"  sing N N 192 
DT OP2   HOP2   sing N N 193 
DT "O5'" "C5'"  sing N N 194 
DT "C5'" "C4'"  sing N N 195 
DT "C5'" "H5'"  sing N N 196 
DT "C5'" "H5''" sing N N 197 
DT "C4'" "O4'"  sing N N 198 
DT "C4'" "C3'"  sing N N 199 
DT "C4'" "H4'"  sing N N 200 
DT "O4'" "C1'"  sing N N 201 
DT "C3'" "O3'"  sing N N 202 
DT "C3'" "C2'"  sing N N 203 
DT "C3'" "H3'"  sing N N 204 
DT "O3'" "HO3'" sing N N 205 
DT "C2'" "C1'"  sing N N 206 
DT "C2'" "H2'"  sing N N 207 
DT "C2'" "H2''" sing N N 208 
DT "C1'" N1     sing N N 209 
DT "C1'" "H1'"  sing N N 210 
DT N1    C2     sing N N 211 
DT N1    C6     sing N N 212 
DT C2    O2     doub N N 213 
DT C2    N3     sing N N 214 
DT N3    C4     sing N N 215 
DT N3    H3     sing N N 216 
DT C4    O4     doub N N 217 
DT C4    C5     sing N N 218 
DT C5    C7     sing N N 219 
DT C5    C6     doub N N 220 
DT C7    H71    sing N N 221 
DT C7    H72    sing N N 222 
DT C7    H73    sing N N 223 
DT C6    H6     sing N N 224 
G  OP3   P      sing N N 225 
G  OP3   HOP3   sing N N 226 
G  P     OP1    doub N N 227 
G  P     OP2    sing N N 228 
G  P     "O5'"  sing N N 229 
G  OP2   HOP2   sing N N 230 
G  "O5'" "C5'"  sing N N 231 
G  "C5'" "C4'"  sing N N 232 
G  "C5'" "H5'"  sing N N 233 
G  "C5'" "H5''" sing N N 234 
G  "C4'" "O4'"  sing N N 235 
G  "C4'" "C3'"  sing N N 236 
G  "C4'" "H4'"  sing N N 237 
G  "O4'" "C1'"  sing N N 238 
G  "C3'" "O3'"  sing N N 239 
G  "C3'" "C2'"  sing N N 240 
G  "C3'" "H3'"  sing N N 241 
G  "O3'" "HO3'" sing N N 242 
G  "C2'" "O2'"  sing N N 243 
G  "C2'" "C1'"  sing N N 244 
G  "C2'" "H2'"  sing N N 245 
G  "O2'" "HO2'" sing N N 246 
G  "C1'" N9     sing N N 247 
G  "C1'" "H1'"  sing N N 248 
G  N9    C8     sing Y N 249 
G  N9    C4     sing Y N 250 
G  C8    N7     doub Y N 251 
G  C8    H8     sing N N 252 
G  N7    C5     sing Y N 253 
G  C5    C6     sing N N 254 
G  C5    C4     doub Y N 255 
G  C6    O6     doub N N 256 
G  C6    N1     sing N N 257 
G  N1    C2     sing N N 258 
G  N1    H1     sing N N 259 
G  C2    N2     sing N N 260 
G  C2    N3     doub N N 261 
G  N2    H21    sing N N 262 
G  N2    H22    sing N N 263 
G  N3    C4     sing N N 264 
U  OP3   P      sing N N 265 
U  OP3   HOP3   sing N N 266 
U  P     OP1    doub N N 267 
U  P     OP2    sing N N 268 
U  P     "O5'"  sing N N 269 
U  OP2   HOP2   sing N N 270 
U  "O5'" "C5'"  sing N N 271 
U  "C5'" "C4'"  sing N N 272 
U  "C5'" "H5'"  sing N N 273 
U  "C5'" "H5''" sing N N 274 
U  "C4'" "O4'"  sing N N 275 
U  "C4'" "C3'"  sing N N 276 
U  "C4'" "H4'"  sing N N 277 
U  "O4'" "C1'"  sing N N 278 
U  "C3'" "O3'"  sing N N 279 
U  "C3'" "C2'"  sing N N 280 
U  "C3'" "H3'"  sing N N 281 
U  "O3'" "HO3'" sing N N 282 
U  "C2'" "O2'"  sing N N 283 
U  "C2'" "C1'"  sing N N 284 
U  "C2'" "H2'"  sing N N 285 
U  "O2'" "HO2'" sing N N 286 
U  "C1'" N1     sing N N 287 
U  "C1'" "H1'"  sing N N 288 
U  N1    C2     sing N N 289 
U  N1    C6     sing N N 290 
U  C2    O2     doub N N 291 
U  C2    N3     sing N N 292 
U  N3    C4     sing N N 293 
U  N3    H3     sing N N 294 
U  C4    O4     doub N N 295 
U  C4    C5     sing N N 296 
U  C5    C6     doub N N 297 
U  C5    H5     sing N N 298 
U  C6    H6     sing N N 299 
# 
loop_
_ndb_struct_conf_na.entry_id 
_ndb_struct_conf_na.feature 
124D 'double helix'        
124D 'a-form double helix' 
# 
loop_
_ndb_struct_na_base_pair.model_number 
_ndb_struct_na_base_pair.i_label_asym_id 
_ndb_struct_na_base_pair.i_label_comp_id 
_ndb_struct_na_base_pair.i_label_seq_id 
_ndb_struct_na_base_pair.i_symmetry 
_ndb_struct_na_base_pair.j_label_asym_id 
_ndb_struct_na_base_pair.j_label_comp_id 
_ndb_struct_na_base_pair.j_label_seq_id 
_ndb_struct_na_base_pair.j_symmetry 
_ndb_struct_na_base_pair.shear 
_ndb_struct_na_base_pair.stretch 
_ndb_struct_na_base_pair.stagger 
_ndb_struct_na_base_pair.buckle 
_ndb_struct_na_base_pair.propeller 
_ndb_struct_na_base_pair.opening 
_ndb_struct_na_base_pair.pair_number 
_ndb_struct_na_base_pair.pair_name 
_ndb_struct_na_base_pair.i_auth_asym_id 
_ndb_struct_na_base_pair.i_auth_seq_id 
_ndb_struct_na_base_pair.i_PDB_ins_code 
_ndb_struct_na_base_pair.j_auth_asym_id 
_ndb_struct_na_base_pair.j_auth_seq_id 
_ndb_struct_na_base_pair.j_PDB_ins_code 
_ndb_struct_na_base_pair.hbond_type_28 
_ndb_struct_na_base_pair.hbond_type_12 
1 A DG 1 1_555 B C 8 1_555 -0.763 -0.228 0.118  5.896  2.841   -1.884 1 A_DG1:C16_B A 1 ? B 16 ? 19 1 
1 A DT 2 1_555 B A 7 1_555 0.590  -0.140 -0.265 6.312  -8.561  2.392  2 A_DT2:A15_B A 2 ? B 15 ? 20 1 
1 A DC 3 1_555 B G 6 1_555 0.903  -0.275 0.162  1.163  -7.532  -0.643 3 A_DC3:G14_B A 3 ? B 14 ? 19 1 
1 A DA 4 1_555 B U 5 1_555 -0.376 -0.169 0.646  8.834  -11.809 -2.496 4 A_DA4:U13_B A 4 ? B 13 ? 20 1 
1 A DC 5 1_555 B G 4 1_555 0.706  -0.237 0.316  6.507  -15.514 -2.157 5 A_DC5:G12_B A 5 ? B 12 ? 19 1 
1 A DA 6 1_555 B U 3 1_555 -0.504 -0.188 0.785  15.289 -10.815 -0.631 6 A_DA6:U11_B A 6 ? B 11 ? 20 1 
1 A DT 7 1_555 B A 2 1_555 0.136  -0.056 -0.034 8.385  -20.339 -2.267 7 A_DT7:A10_B A 7 ? B 10 ? 20 1 
1 A DG 8 1_555 B C 1 1_555 -0.535 -0.220 0.241  -4.832 -23.905 -3.514 8 A_DG8:C9_B  A 8 ? B 9  ? 19 1 
# 
loop_
_ndb_struct_na_base_pair_step.model_number 
_ndb_struct_na_base_pair_step.i_label_asym_id_1 
_ndb_struct_na_base_pair_step.i_label_comp_id_1 
_ndb_struct_na_base_pair_step.i_label_seq_id_1 
_ndb_struct_na_base_pair_step.i_symmetry_1 
_ndb_struct_na_base_pair_step.j_label_asym_id_1 
_ndb_struct_na_base_pair_step.j_label_comp_id_1 
_ndb_struct_na_base_pair_step.j_label_seq_id_1 
_ndb_struct_na_base_pair_step.j_symmetry_1 
_ndb_struct_na_base_pair_step.i_label_asym_id_2 
_ndb_struct_na_base_pair_step.i_label_comp_id_2 
_ndb_struct_na_base_pair_step.i_label_seq_id_2 
_ndb_struct_na_base_pair_step.i_symmetry_2 
_ndb_struct_na_base_pair_step.j_label_asym_id_2 
_ndb_struct_na_base_pair_step.j_label_comp_id_2 
_ndb_struct_na_base_pair_step.j_label_seq_id_2 
_ndb_struct_na_base_pair_step.j_symmetry_2 
_ndb_struct_na_base_pair_step.shift 
_ndb_struct_na_base_pair_step.slide 
_ndb_struct_na_base_pair_step.rise 
_ndb_struct_na_base_pair_step.tilt 
_ndb_struct_na_base_pair_step.roll 
_ndb_struct_na_base_pair_step.twist 
_ndb_struct_na_base_pair_step.x_displacement 
_ndb_struct_na_base_pair_step.y_displacement 
_ndb_struct_na_base_pair_step.helical_rise 
_ndb_struct_na_base_pair_step.inclination 
_ndb_struct_na_base_pair_step.tip 
_ndb_struct_na_base_pair_step.helical_twist 
_ndb_struct_na_base_pair_step.step_number 
_ndb_struct_na_base_pair_step.step_name 
_ndb_struct_na_base_pair_step.i_auth_asym_id_1 
_ndb_struct_na_base_pair_step.i_auth_seq_id_1 
_ndb_struct_na_base_pair_step.i_PDB_ins_code_1 
_ndb_struct_na_base_pair_step.j_auth_asym_id_1 
_ndb_struct_na_base_pair_step.j_auth_seq_id_1 
_ndb_struct_na_base_pair_step.j_PDB_ins_code_1 
_ndb_struct_na_base_pair_step.i_auth_asym_id_2 
_ndb_struct_na_base_pair_step.i_auth_seq_id_2 
_ndb_struct_na_base_pair_step.i_PDB_ins_code_2 
_ndb_struct_na_base_pair_step.j_auth_asym_id_2 
_ndb_struct_na_base_pair_step.j_auth_seq_id_2 
_ndb_struct_na_base_pair_step.j_PDB_ins_code_2 
1 A DG 1 1_555 B C 8 1_555 A DT 2 1_555 B A 7 1_555 -0.277 -2.127 3.234 2.337  1.350  34.004 -3.835 0.834  3.125 2.304  -3.989 
34.108 1 AA_DG1DT2:A15C16_BB A 1 ? B 16 ? A 2 ? B 15 ? 
1 A DT 2 1_555 B A 7 1_555 A DC 3 1_555 B G 6 1_555 0.014  -1.556 3.177 -1.496 6.148  31.821 -3.790 -0.269 2.831 11.076 2.695  
32.428 2 AA_DT2DC3:G14A15_BB A 2 ? B 15 ? A 3 ? B 14 ? 
1 A DC 3 1_555 B G 6 1_555 A DA 4 1_555 B U 5 1_555 -0.137 -1.878 2.549 -2.807 9.312  26.499 -5.347 -0.168 1.803 19.498 5.879  
28.198 3 AA_DC3DA4:U13G14_BB A 3 ? B 14 ? A 4 ? B 13 ? 
1 A DA 4 1_555 B U 5 1_555 A DC 5 1_555 B G 4 1_555 0.100  -1.542 3.144 2.724  2.034  34.386 -2.895 0.231  3.049 3.431  -4.594 
34.549 4 AA_DA4DC5:G12U13_BB A 4 ? B 13 ? A 5 ? B 12 ? 
1 A DC 5 1_555 B G 4 1_555 A DA 6 1_555 B U 3 1_555 -0.034 -1.694 2.464 -4.918 10.333 28.894 -4.495 -0.569 1.751 19.758 9.404  
31.032 5 AA_DC5DA6:U11G12_BB A 5 ? B 12 ? A 6 ? B 11 ? 
1 A DA 6 1_555 B U 3 1_555 A DT 7 1_555 B A 2 1_555 -0.262 -1.050 3.270 6.016  2.431  35.571 -2.031 1.257  3.110 3.938  -9.748 
36.139 6 AA_DA6DT7:A10U11_BB A 6 ? B 11 ? A 7 ? B 10 ? 
1 A DT 7 1_555 B A 2 1_555 A DG 8 1_555 B C 1 1_555 0.331  -1.158 3.179 -2.571 17.955 33.627 -3.800 -0.798 2.266 28.600 4.096  
38.082 7 AA_DT7DG8:C9A10_BB  A 7 ? B 10 ? A 8 ? B 9  ? 
# 
_atom_sites.entry_id                    124D 
_atom_sites.fract_transf_matrix[1][1]   1.000000 
_atom_sites.fract_transf_matrix[1][2]   0.000000 
_atom_sites.fract_transf_matrix[1][3]   0.000000 
_atom_sites.fract_transf_matrix[2][1]   0.000000 
_atom_sites.fract_transf_matrix[2][2]   1.000000 
_atom_sites.fract_transf_matrix[2][3]   0.000000 
_atom_sites.fract_transf_matrix[3][1]   0.000000 
_atom_sites.fract_transf_matrix[3][2]   0.000000 
_atom_sites.fract_transf_matrix[3][3]   1.000000 
_atom_sites.fract_transf_vector[1]      0.00000 
_atom_sites.fract_transf_vector[2]      0.00000 
_atom_sites.fract_transf_vector[3]      0.00000 
# 
loop_
_atom_type.symbol 
C 
H 
N 
O 
P 
# 
loop_
_atom_site.group_PDB 
_atom_site.id 
_atom_site.type_symbol 
_atom_site.label_atom_id 
_atom_site.label_alt_id 
_atom_site.label_comp_id 
_atom_site.label_asym_id 
_atom_site.label_entity_id 
_atom_site.label_seq_id 
_atom_site.pdbx_PDB_ins_code 
_atom_site.Cartn_x 
_atom_site.Cartn_y 
_atom_site.Cartn_z 
_atom_site.occupancy 
_atom_site.B_iso_or_equiv 
_atom_site.pdbx_formal_charge 
_atom_site.auth_seq_id 
_atom_site.auth_comp_id 
_atom_site.auth_asym_id 
_atom_site.auth_atom_id 
_atom_site.pdbx_PDB_model_num 
ATOM 1   O "O5'"  . DG A 1 1 ? -13.589 3.749   3.643   1.00 0.00 ? 1  DG A "O5'"  1 
ATOM 2   C "C5'"  . DG A 1 1 ? -14.422 4.735   3.072   1.00 0.00 ? 1  DG A "C5'"  1 
ATOM 3   C "C4'"  . DG A 1 1 ? -13.638 5.589   2.071   1.00 0.00 ? 1  DG A "C4'"  1 
ATOM 4   O "O4'"  . DG A 1 1 ? -12.559 6.227   2.736   1.00 0.00 ? 1  DG A "O4'"  1 
ATOM 5   C "C3'"  . DG A 1 1 ? -13.047 4.759   0.918   1.00 0.00 ? 1  DG A "C3'"  1 
ATOM 6   O "O3'"  . DG A 1 1 ? -13.324 5.411   -0.311  1.00 0.00 ? 1  DG A "O3'"  1 
ATOM 7   C "C2'"  . DG A 1 1 ? -11.556 4.772   1.246   1.00 0.00 ? 1  DG A "C2'"  1 
ATOM 8   C "C1'"  . DG A 1 1 ? -11.430 6.145   1.892   1.00 0.00 ? 1  DG A "C1'"  1 
ATOM 9   N N9     . DG A 1 1 ? -10.170 6.268   2.655   1.00 0.00 ? 1  DG A N9     1 
ATOM 10  C C8     . DG A 1 1 ? -9.791  5.610   3.798   1.00 0.00 ? 1  DG A C8     1 
ATOM 11  N N7     . DG A 1 1 ? -8.594  5.913   4.215   1.00 0.00 ? 1  DG A N7     1 
ATOM 12  C C5     . DG A 1 1 ? -8.141  6.842   3.285   1.00 0.00 ? 1  DG A C5     1 
ATOM 13  C C6     . DG A 1 1 ? -6.894  7.531   3.205   1.00 0.00 ? 1  DG A C6     1 
ATOM 14  O O6     . DG A 1 1 ? -5.925  7.426   3.952   1.00 0.00 ? 1  DG A O6     1 
ATOM 15  N N1     . DG A 1 1 ? -6.825  8.382   2.104   1.00 0.00 ? 1  DG A N1     1 
ATOM 16  C C2     . DG A 1 1 ? -7.847  8.558   1.188   1.00 0.00 ? 1  DG A C2     1 
ATOM 17  N N2     . DG A 1 1 ? -7.625  9.393   0.167   1.00 0.00 ? 1  DG A N2     1 
ATOM 18  N N3     . DG A 1 1 ? -9.019  7.910   1.263   1.00 0.00 ? 1  DG A N3     1 
ATOM 19  C C4     . DG A 1 1 ? -9.103  7.070   2.328   1.00 0.00 ? 1  DG A C4     1 
ATOM 20  H "H5'"  . DG A 1 1 ? -14.812 5.374   3.866   1.00 0.00 ? 1  DG A "H5'"  1 
ATOM 21  H "H5''" . DG A 1 1 ? -15.257 4.251   2.566   1.00 0.00 ? 1  DG A "H5''" 1 
ATOM 22  H "H4'"  . DG A 1 1 ? -14.307 6.351   1.668   1.00 0.00 ? 1  DG A "H4'"  1 
ATOM 23  H "H3'"  . DG A 1 1 ? -13.446 3.743   0.908   1.00 0.00 ? 1  DG A "H3'"  1 
ATOM 24  H "H2'"  . DG A 1 1 ? -11.340 3.990   1.974   1.00 0.00 ? 1  DG A "H2'"  1 
ATOM 25  H "H2''" . DG A 1 1 ? -10.910 4.660   0.378   1.00 0.00 ? 1  DG A "H2''" 1 
ATOM 26  H "H1'"  . DG A 1 1 ? -11.503 6.917   1.124   1.00 0.00 ? 1  DG A "H1'"  1 
ATOM 27  H H8     . DG A 1 1 ? -10.425 4.900   4.306   1.00 0.00 ? 1  DG A H8     1 
ATOM 28  H H1     . DG A 1 1 ? -5.955  8.887   1.978   1.00 0.00 ? 1  DG A H1     1 
ATOM 29  H H21    . DG A 1 1 ? -6.739  9.870   0.078   1.00 0.00 ? 1  DG A H21    1 
ATOM 30  H H22    . DG A 1 1 ? -8.340  9.512   -0.537  1.00 0.00 ? 1  DG A H22    1 
ATOM 31  H "HO5'" . DG A 1 1 ? -12.849 4.188   4.068   1.00 0.00 ? 1  DG A "HO5'" 1 
ATOM 32  P P      . DT A 1 2 ? -12.898 4.784   -1.739  1.00 0.00 ? 2  DT A P      1 
ATOM 33  O OP1    . DT A 1 2 ? -13.891 5.226   -2.744  1.00 0.00 ? 2  DT A OP1    1 
ATOM 34  O OP2    . DT A 1 2 ? -12.640 3.338   -1.554  1.00 0.00 ? 2  DT A OP2    1 
ATOM 35  O "O5'"  . DT A 1 2 ? -11.488 5.503   -2.066  1.00 0.00 ? 2  DT A "O5'"  1 
ATOM 36  C "C5'"  . DT A 1 2 ? -11.430 6.834   -2.548  1.00 0.00 ? 2  DT A "C5'"  1 
ATOM 37  C "C4'"  . DT A 1 2 ? -9.997  7.223   -2.935  1.00 0.00 ? 2  DT A "C4'"  1 
ATOM 38  O "O4'"  . DT A 1 2 ? -9.148  7.229   -1.801  1.00 0.00 ? 2  DT A "O4'"  1 
ATOM 39  C "C3'"  . DT A 1 2 ? -9.368  6.266   -3.961  1.00 0.00 ? 2  DT A "C3'"  1 
ATOM 40  O "O3'"  . DT A 1 2 ? -9.314  6.882   -5.240  1.00 0.00 ? 2  DT A "O3'"  1 
ATOM 41  C "C2'"  . DT A 1 2 ? -7.980  5.979   -3.396  1.00 0.00 ? 2  DT A "C2'"  1 
ATOM 42  C "C1'"  . DT A 1 2 ? -7.828  6.937   -2.227  1.00 0.00 ? 2  DT A "C1'"  1 
ATOM 43  N N1     . DT A 1 2 ? -7.024  6.354   -1.124  1.00 0.00 ? 2  DT A N1     1 
ATOM 44  C C2     . DT A 1 2 ? -5.754  6.876   -0.871  1.00 0.00 ? 2  DT A C2     1 
ATOM 45  O O2     . DT A 1 2 ? -5.223  7.741   -1.565  1.00 0.00 ? 2  DT A O2     1 
ATOM 46  N N3     . DT A 1 2 ? -5.088  6.358   0.227   1.00 0.00 ? 2  DT A N3     1 
ATOM 47  C C4     . DT A 1 2 ? -5.558  5.366   1.074   1.00 0.00 ? 2  DT A C4     1 
ATOM 48  O O4     . DT A 1 2 ? -4.860  4.986   2.010   1.00 0.00 ? 2  DT A O4     1 
ATOM 49  C C5     . DT A 1 2 ? -6.872  4.853   0.724   1.00 0.00 ? 2  DT A C5     1 
ATOM 50  C C7     . DT A 1 2 ? -7.489  3.744   1.552   1.00 0.00 ? 2  DT A C7     1 
ATOM 51  C C6     . DT A 1 2 ? -7.548  5.352   -0.343  1.00 0.00 ? 2  DT A C6     1 
ATOM 52  H "H5'"  . DT A 1 2 ? -11.798 7.519   -1.784  1.00 0.00 ? 2  DT A "H5'"  1 
ATOM 53  H "H5''" . DT A 1 2 ? -12.051 6.929   -3.439  1.00 0.00 ? 2  DT A "H5''" 1 
ATOM 54  H "H4'"  . DT A 1 2 ? -10.042 8.231   -3.356  1.00 0.00 ? 2  DT A "H4'"  1 
ATOM 55  H "H3'"  . DT A 1 2 ? -9.918  5.326   -3.987  1.00 0.00 ? 2  DT A "H3'"  1 
ATOM 56  H "H2'"  . DT A 1 2 ? -7.930  4.933   -3.101  1.00 0.00 ? 2  DT A "H2'"  1 
ATOM 57  H "H2''" . DT A 1 2 ? -7.194  6.212   -4.099  1.00 0.00 ? 2  DT A "H2''" 1 
ATOM 58  H "H1'"  . DT A 1 2 ? -7.340  7.823   -2.630  1.00 0.00 ? 2  DT A "H1'"  1 
ATOM 59  H H3     . DT A 1 2 ? -4.165  6.730   0.402   1.00 0.00 ? 2  DT A H3     1 
ATOM 60  H H71    . DT A 1 2 ? -7.203  3.856   2.598   1.00 0.00 ? 2  DT A H71    1 
ATOM 61  H H72    . DT A 1 2 ? -8.577  3.772   1.484   1.00 0.00 ? 2  DT A H72    1 
ATOM 62  H H73    . DT A 1 2 ? -7.133  2.781   1.187   1.00 0.00 ? 2  DT A H73    1 
ATOM 63  H H6     . DT A 1 2 ? -8.527  4.968   -0.599  1.00 0.00 ? 2  DT A H6     1 
ATOM 64  P P      . DC A 1 3 ? -8.806  6.104   -6.569  1.00 0.00 ? 3  DC A P      1 
ATOM 65  O OP1    . DC A 1 3 ? -9.161  6.933   -7.743  1.00 0.00 ? 3  DC A OP1    1 
ATOM 66  O OP2    . DC A 1 3 ? -9.279  4.703   -6.495  1.00 0.00 ? 3  DC A OP2    1 
ATOM 67  O "O5'"  . DC A 1 3 ? -7.195  6.094   -6.435  1.00 0.00 ? 3  DC A "O5'"  1 
ATOM 68  C "C5'"  . DC A 1 3 ? -6.430  7.279   -6.567  1.00 0.00 ? 3  DC A "C5'"  1 
ATOM 69  C "C4'"  . DC A 1 3 ? -4.942  7.055   -6.250  1.00 0.00 ? 3  DC A "C4'"  1 
ATOM 70  O "O4'"  . DC A 1 3 ? -4.694  6.846   -4.861  1.00 0.00 ? 3  DC A "O4'"  1 
ATOM 71  C "C3'"  . DC A 1 3 ? -4.335  5.853   -6.989  1.00 0.00 ? 3  DC A "C3'"  1 
ATOM 72  O "O3'"  . DC A 1 3 ? -3.587  6.294   -8.117  1.00 0.00 ? 3  DC A "O3'"  1 
ATOM 73  C "C2'"  . DC A 1 3 ? -3.458  5.193   -5.935  1.00 0.00 ? 3  DC A "C2'"  1 
ATOM 74  C "C1'"  . DC A 1 3 ? -3.499  6.085   -4.708  1.00 0.00 ? 3  DC A "C1'"  1 
ATOM 75  N N1     . DC A 1 3 ? -3.442  5.324   -3.426  1.00 0.00 ? 3  DC A N1     1 
ATOM 76  C C2     . DC A 1 3 ? -2.265  5.355   -2.668  1.00 0.00 ? 3  DC A C2     1 
ATOM 77  O O2     . DC A 1 3 ? -1.274  5.980   -3.033  1.00 0.00 ? 3  DC A O2     1 
ATOM 78  N N3     . DC A 1 3 ? -2.209  4.642   -1.509  1.00 0.00 ? 3  DC A N3     1 
ATOM 79  C C4     . DC A 1 3 ? -3.248  3.904   -1.101  1.00 0.00 ? 3  DC A C4     1 
ATOM 80  N N4     . DC A 1 3 ? -3.128  3.230   0.047   1.00 0.00 ? 3  DC A N4     1 
ATOM 81  C C5     . DC A 1 3 ? -4.463  3.842   -1.865  1.00 0.00 ? 3  DC A C5     1 
ATOM 82  C C6     . DC A 1 3 ? -4.511  4.572   -3.009  1.00 0.00 ? 3  DC A C6     1 
ATOM 83  H "H5'"  . DC A 1 3 ? -6.817  8.050   -5.898  1.00 0.00 ? 3  DC A "H5'"  1 
ATOM 84  H "H5''" . DC A 1 3 ? -6.514  7.634   -7.595  1.00 0.00 ? 3  DC A "H5''" 1 
ATOM 85  H "H4'"  . DC A 1 3 ? -4.443  7.972   -6.575  1.00 0.00 ? 3  DC A "H4'"  1 
ATOM 86  H "H3'"  . DC A 1 3 ? -5.092  5.122   -7.266  1.00 0.00 ? 3  DC A "H3'"  1 
ATOM 87  H "H2'"  . DC A 1 3 ? -3.820  4.185   -5.732  1.00 0.00 ? 3  DC A "H2'"  1 
ATOM 88  H "H2''" . DC A 1 3 ? -2.441  5.218   -6.285  1.00 0.00 ? 3  DC A "H2''" 1 
ATOM 89  H "H1'"  . DC A 1 3 ? -2.589  6.675   -4.797  1.00 0.00 ? 3  DC A "H1'"  1 
ATOM 90  H H41    . DC A 1 3 ? -2.268  3.316   0.576   1.00 0.00 ? 3  DC A H41    1 
ATOM 91  H H42    . DC A 1 3 ? -3.896  2.684   0.406   1.00 0.00 ? 3  DC A H42    1 
ATOM 92  H H5     . DC A 1 3 ? -5.309  3.242   -1.566  1.00 0.00 ? 3  DC A H5     1 
ATOM 93  H H6     . DC A 1 3 ? -5.404  4.572   -3.615  1.00 0.00 ? 3  DC A H6     1 
ATOM 94  P P      . DA A 1 4 ? -2.785  5.280   -9.102  1.00 0.00 ? 4  DA A P      1 
ATOM 95  O OP1    . DA A 1 4 ? -2.480  6.012   -10.351 1.00 0.00 ? 4  DA A OP1    1 
ATOM 96  O OP2    . DA A 1 4 ? -3.540  4.008   -9.167  1.00 0.00 ? 4  DA A OP2    1 
ATOM 97  O "O5'"  . DA A 1 4 ? -1.382  4.987   -8.343  1.00 0.00 ? 4  DA A "O5'"  1 
ATOM 98  C "C5'"  . DA A 1 4 ? -0.419  6.007   -8.142  1.00 0.00 ? 4  DA A "C5'"  1 
ATOM 99  C "C4'"  . DA A 1 4 ? 0.817   5.524   -7.360  1.00 0.00 ? 4  DA A "C4'"  1 
ATOM 100 O "O4'"  . DA A 1 4 ? 0.541   5.288   -5.977  1.00 0.00 ? 4  DA A "O4'"  1 
ATOM 101 C "C3'"  . DA A 1 4 ? 1.424   4.230   -7.927  1.00 0.00 ? 4  DA A "C3'"  1 
ATOM 102 O "O3'"  . DA A 1 4 ? 2.707   4.491   -8.485  1.00 0.00 ? 4  DA A "O3'"  1 
ATOM 103 C "C2'"  . DA A 1 4 ? 1.510   3.310   -6.715  1.00 0.00 ? 4  DA A "C2'"  1 
ATOM 104 C "C1'"  . DA A 1 4 ? 1.340   4.206   -5.505  1.00 0.00 ? 4  DA A "C1'"  1 
ATOM 105 N N9     . DA A 1 4 ? 0.717   3.483   -4.378  1.00 0.00 ? 4  DA A N9     1 
ATOM 106 C C8     . DA A 1 4 ? -0.555  2.995   -4.294  1.00 0.00 ? 4  DA A C8     1 
ATOM 107 N N7     . DA A 1 4 ? -0.833  2.382   -3.178  1.00 0.00 ? 4  DA A N7     1 
ATOM 108 C C5     . DA A 1 4 ? 0.356   2.468   -2.462  1.00 0.00 ? 4  DA A C5     1 
ATOM 109 C C6     . DA A 1 4 ? 0.743   2.015   -1.184  1.00 0.00 ? 4  DA A C6     1 
ATOM 110 N N6     . DA A 1 4 ? -0.094  1.379   -0.356  1.00 0.00 ? 4  DA A N6     1 
ATOM 111 N N1     . DA A 1 4 ? 2.010   2.238   -0.784  1.00 0.00 ? 4  DA A N1     1 
ATOM 112 C C2     . DA A 1 4 ? 2.850   2.872   -1.600  1.00 0.00 ? 4  DA A C2     1 
ATOM 113 N N3     . DA A 1 4 ? 2.606   3.348   -2.818  1.00 0.00 ? 4  DA A N3     1 
ATOM 114 C C4     . DA A 1 4 ? 1.320   3.115   -3.196  1.00 0.00 ? 4  DA A C4     1 
ATOM 115 H "H5'"  . DA A 1 4 ? -0.868  6.842   -7.604  1.00 0.00 ? 4  DA A "H5'"  1 
ATOM 116 H "H5''" . DA A 1 4 ? -0.084  6.362   -9.117  1.00 0.00 ? 4  DA A "H5''" 1 
ATOM 117 H "H4'"  . DA A 1 4 ? 1.536   6.344   -7.462  1.00 0.00 ? 4  DA A "H4'"  1 
ATOM 118 H "H3'"  . DA A 1 4 ? 0.752   3.769   -8.650  1.00 0.00 ? 4  DA A "H3'"  1 
ATOM 119 H "H2'"  . DA A 1 4 ? 0.738   2.542   -6.768  1.00 0.00 ? 4  DA A "H2'"  1 
ATOM 120 H "H2''" . DA A 1 4 ? 2.493   2.881   -6.648  1.00 0.00 ? 4  DA A "H2''" 1 
ATOM 121 H "H1'"  . DA A 1 4 ? 2.341   4.477   -5.172  1.00 0.00 ? 4  DA A "H1'"  1 
ATOM 122 H H8     . DA A 1 4 ? -1.245  3.122   -5.104  1.00 0.00 ? 4  DA A H8     1 
ATOM 123 H H61    . DA A 1 4 ? 0.218   1.079   0.559   1.00 0.00 ? 4  DA A H61    1 
ATOM 124 H H62    . DA A 1 4 ? -1.048  1.218   -0.643  1.00 0.00 ? 4  DA A H62    1 
ATOM 125 H H2     . DA A 1 4 ? 3.847   3.041   -1.218  1.00 0.00 ? 4  DA A H2     1 
ATOM 126 P P      . DC A 1 5 ? 3.588   3.362   -9.258  1.00 0.00 ? 5  DC A P      1 
ATOM 127 O OP1    . DC A 1 5 ? 4.654   4.060   -10.010 1.00 0.00 ? 5  DC A OP1    1 
ATOM 128 O OP2    . DC A 1 5 ? 2.655   2.466   -9.978  1.00 0.00 ? 5  DC A OP2    1 
ATOM 129 O "O5'"  . DC A 1 5 ? 4.294   2.501   -8.080  1.00 0.00 ? 5  DC A "O5'"  1 
ATOM 130 C "C5'"  . DC A 1 5 ? 5.312   3.055   -7.265  1.00 0.00 ? 5  DC A "C5'"  1 
ATOM 131 C "C4'"  . DC A 1 5 ? 5.668   2.151   -6.074  1.00 0.00 ? 5  DC A "C4'"  1 
ATOM 132 O "O4'"  . DC A 1 5 ? 4.594   2.003   -5.144  1.00 0.00 ? 5  DC A "O4'"  1 
ATOM 133 C "C3'"  . DC A 1 5 ? 6.095   0.733   -6.480  1.00 0.00 ? 5  DC A "C3'"  1 
ATOM 134 O "O3'"  . DC A 1 5 ? 7.511   0.592   -6.436  1.00 0.00 ? 5  DC A "O3'"  1 
ATOM 135 C "C2'"  . DC A 1 5 ? 5.394   -0.146  -5.458  1.00 0.00 ? 5  DC A "C2'"  1 
ATOM 136 C "C1'"  . DC A 1 5 ? 4.778   0.785   -4.429  1.00 0.00 ? 5  DC A "C1'"  1 
ATOM 137 N N1     . DC A 1 5 ? 3.522   0.240   -3.828  1.00 0.00 ? 5  DC A N1     1 
ATOM 138 C C2     . DC A 1 5 ? 3.530   -0.204  -2.500  1.00 0.00 ? 5  DC A C2     1 
ATOM 139 O O2     . DC A 1 5 ? 4.545   -0.159  -1.810  1.00 0.00 ? 5  DC A O2     1 
ATOM 140 N N3     . DC A 1 5 ? 2.377   -0.698  -1.965  1.00 0.00 ? 5  DC A N3     1 
ATOM 141 C C4     . DC A 1 5 ? 1.254   -0.784  -2.690  1.00 0.00 ? 5  DC A C4     1 
ATOM 142 N N4     . DC A 1 5 ? 0.150   -1.256  -2.105  1.00 0.00 ? 5  DC A N4     1 
ATOM 143 C C5     . DC A 1 5 ? 1.216   -0.335  -4.053  1.00 0.00 ? 5  DC A C5     1 
ATOM 144 C C6     . DC A 1 5 ? 2.367   0.162   -4.565  1.00 0.00 ? 5  DC A C6     1 
ATOM 145 H "H5'"  . DC A 1 5 ? 4.993   4.024   -6.879  1.00 0.00 ? 5  DC A "H5'"  1 
ATOM 146 H "H5''" . DC A 1 5 ? 6.206   3.202   -7.872  1.00 0.00 ? 5  DC A "H5''" 1 
ATOM 147 H "H4'"  . DC A 1 5 ? 6.507   2.647   -5.577  1.00 0.00 ? 5  DC A "H4'"  1 
ATOM 148 H "H3'"  . DC A 1 5 ? 5.702   0.442   -7.451  1.00 0.00 ? 5  DC A "H3'"  1 
ATOM 149 H "H2'"  . DC A 1 5 ? 4.639   -0.737  -5.976  1.00 0.00 ? 5  DC A "H2'"  1 
ATOM 150 H "H2''" . DC A 1 5 ? 6.143   -0.732  -4.948  1.00 0.00 ? 5  DC A "H2''" 1 
ATOM 151 H "H1'"  . DC A 1 5 ? 5.536   0.865   -3.653  1.00 0.00 ? 5  DC A "H1'"  1 
ATOM 152 H H41    . DC A 1 5 ? 0.184   -1.510  -1.126  1.00 0.00 ? 5  DC A H41    1 
ATOM 153 H H42    . DC A 1 5 ? -0.721  -1.295  -2.613  1.00 0.00 ? 5  DC A H42    1 
ATOM 154 H H5     . DC A 1 5 ? 0.326   -0.360  -4.666  1.00 0.00 ? 5  DC A H5     1 
ATOM 155 H H6     . DC A 1 5 ? 2.374   0.499   -5.583  1.00 0.00 ? 5  DC A H6     1 
ATOM 156 P P      . DA A 1 6 ? 8.271   -0.774  -6.879  1.00 0.00 ? 6  DA A P      1 
ATOM 157 O OP1    . DA A 1 6 ? 9.695   -0.441  -7.106  1.00 0.00 ? 6  DA A OP1    1 
ATOM 158 O OP2    . DA A 1 6 ? 7.489   -1.405  -7.965  1.00 0.00 ? 6  DA A OP2    1 
ATOM 159 O "O5'"  . DA A 1 6 ? 8.185   -1.740  -5.582  1.00 0.00 ? 6  DA A "O5'"  1 
ATOM 160 C "C5'"  . DA A 1 6 ? 8.958   -1.493  -4.421  1.00 0.00 ? 6  DA A "C5'"  1 
ATOM 161 C "C4'"  . DA A 1 6 ? 8.694   -2.506  -3.294  1.00 0.00 ? 6  DA A "C4'"  1 
ATOM 162 O "O4'"  . DA A 1 6 ? 7.400   -2.345  -2.716  1.00 0.00 ? 6  DA A "O4'"  1 
ATOM 163 C "C3'"  . DA A 1 6 ? 8.804   -3.973  -3.740  1.00 0.00 ? 6  DA A "C3'"  1 
ATOM 164 O "O3'"  . DA A 1 6 ? 10.001  -4.543  -3.225  1.00 0.00 ? 6  DA A "O3'"  1 
ATOM 165 C "C2'"  . DA A 1 6 ? 7.550   -4.638  -3.173  1.00 0.00 ? 6  DA A "C2'"  1 
ATOM 166 C "C1'"  . DA A 1 6 ? 6.919   -3.605  -2.258  1.00 0.00 ? 6  DA A "C1'"  1 
ATOM 167 N N9     . DA A 1 6 ? 5.446   -3.671  -2.281  1.00 0.00 ? 6  DA A N9     1 
ATOM 168 C C8     . DA A 1 6 ? 4.608   -3.292  -3.287  1.00 0.00 ? 6  DA A C8     1 
ATOM 169 N N7     . DA A 1 6 ? 3.340   -3.423  -3.018  1.00 0.00 ? 6  DA A N7     1 
ATOM 170 C C5     . DA A 1 6 ? 3.340   -3.923  -1.722  1.00 0.00 ? 6  DA A C5     1 
ATOM 171 C C6     . DA A 1 6 ? 2.308   -4.259  -0.823  1.00 0.00 ? 6  DA A C6     1 
ATOM 172 N N6     . DA A 1 6 ? 1.014   -4.090  -1.113  1.00 0.00 ? 6  DA A N6     1 
ATOM 173 N N1     . DA A 1 6 ? 2.645   -4.749  0.384   1.00 0.00 ? 6  DA A N1     1 
ATOM 174 C C2     . DA A 1 6 ? 3.933   -4.899  0.691   1.00 0.00 ? 6  DA A C2     1 
ATOM 175 N N3     . DA A 1 6 ? 4.993   -4.605  -0.057  1.00 0.00 ? 6  DA A N3     1 
ATOM 176 C C4     . DA A 1 6 ? 4.623   -4.108  -1.270  1.00 0.00 ? 6  DA A C4     1 
ATOM 177 H "H5'"  . DA A 1 6 ? 8.749   -0.489  -4.047  1.00 0.00 ? 6  DA A "H5'"  1 
ATOM 178 H "H5''" . DA A 1 6 ? 10.015  -1.552  -4.686  1.00 0.00 ? 6  DA A "H5''" 1 
ATOM 179 H "H4'"  . DA A 1 6 ? 9.470   -2.286  -2.553  1.00 0.00 ? 6  DA A "H4'"  1 
ATOM 180 H "H3'"  . DA A 1 6 ? 8.755   -4.045  -4.825  1.00 0.00 ? 6  DA A "H3'"  1 
ATOM 181 H "H2'"  . DA A 1 6 ? 6.893   -4.929  -3.992  1.00 0.00 ? 6  DA A "H2'"  1 
ATOM 182 H "H2''" . DA A 1 6 ? 7.786   -5.493  -2.560  1.00 0.00 ? 6  DA A "H2''" 1 
ATOM 183 H "H1'"  . DA A 1 6 ? 7.211   -3.860  -1.244  1.00 0.00 ? 6  DA A "H1'"  1 
ATOM 184 H H8     . DA A 1 6 ? 4.998   -2.919  -4.212  1.00 0.00 ? 6  DA A H8     1 
ATOM 185 H H61    . DA A 1 6 ? 0.301   -4.306  -0.429  1.00 0.00 ? 6  DA A H61    1 
ATOM 186 H H62    . DA A 1 6 ? 0.756   -3.706  -2.011  1.00 0.00 ? 6  DA A H62    1 
ATOM 187 H H2     . DA A 1 6 ? 4.147   -5.275  1.681   1.00 0.00 ? 6  DA A H2     1 
ATOM 188 P P      . DT A 1 7 ? 10.457  -6.070  -3.528  1.00 0.00 ? 7  DT A P      1 
ATOM 189 O OP1    . DT A 1 7 ? 11.894  -6.187  -3.200  1.00 0.00 ? 7  DT A OP1    1 
ATOM 190 O OP2    . DT A 1 7 ? 9.982   -6.436  -4.881  1.00 0.00 ? 7  DT A OP2    1 
ATOM 191 O "O5'"  . DT A 1 7 ? 9.628   -6.954  -2.454  1.00 0.00 ? 7  DT A "O5'"  1 
ATOM 192 C "C5'"  . DT A 1 7 ? 9.859   -6.836  -1.061  1.00 0.00 ? 7  DT A "C5'"  1 
ATOM 193 C "C4'"  . DT A 1 7 ? 8.855   -7.671  -0.250  1.00 0.00 ? 7  DT A "C4'"  1 
ATOM 194 O "O4'"  . DT A 1 7 ? 7.535   -7.164  -0.384  1.00 0.00 ? 7  DT A "O4'"  1 
ATOM 195 C "C3'"  . DT A 1 7 ? 8.828   -9.148  -0.674  1.00 0.00 ? 7  DT A "C3'"  1 
ATOM 196 O "O3'"  . DT A 1 7 ? 9.184   -9.965  0.435   1.00 0.00 ? 7  DT A "O3'"  1 
ATOM 197 C "C2'"  . DT A 1 7 ? 7.387   -9.369  -1.117  1.00 0.00 ? 7  DT A "C2'"  1 
ATOM 198 C "C1'"  . DT A 1 7 ? 6.626   -8.253  -0.414  1.00 0.00 ? 7  DT A "C1'"  1 
ATOM 199 N N1     . DT A 1 7 ? 5.368   -7.878  -1.104  1.00 0.00 ? 7  DT A N1     1 
ATOM 200 C C2     . DT A 1 7 ? 4.144   -7.959  -0.438  1.00 0.00 ? 7  DT A C2     1 
ATOM 201 O O2     . DT A 1 7 ? 4.022   -8.354  0.719   1.00 0.00 ? 7  DT A O2     1 
ATOM 202 N N3     . DT A 1 7 ? 3.032   -7.547  -1.160  1.00 0.00 ? 7  DT A N3     1 
ATOM 203 C C4     . DT A 1 7 ? 3.025   -7.123  -2.481  1.00 0.00 ? 7  DT A C4     1 
ATOM 204 O O4     . DT A 1 7 ? 1.977   -6.742  -2.996  1.00 0.00 ? 7  DT A O4     1 
ATOM 205 C C5     . DT A 1 7 ? 4.338   -7.083  -3.102  1.00 0.00 ? 7  DT A C5     1 
ATOM 206 C C7     . DT A 1 7 ? 4.461   -6.682  -4.558  1.00 0.00 ? 7  DT A C7     1 
ATOM 207 C C6     . DT A 1 7 ? 5.439   -7.448  -2.396  1.00 0.00 ? 7  DT A C6     1 
ATOM 208 H "H5'"  . DT A 1 7 ? 9.768   -5.792  -0.756  1.00 0.00 ? 7  DT A "H5'"  1 
ATOM 209 H "H5''" . DT A 1 7 ? 10.868  -7.182  -0.835  1.00 0.00 ? 7  DT A "H5''" 1 
ATOM 210 H "H4'"  . DT A 1 7 ? 9.159   -7.595  0.797   1.00 0.00 ? 7  DT A "H4'"  1 
ATOM 211 H "H3'"  . DT A 1 7 ? 9.478   -9.313  -1.532  1.00 0.00 ? 7  DT A "H3'"  1 
ATOM 212 H "H2'"  . DT A 1 7 ? 7.340   -9.295  -2.203  1.00 0.00 ? 7  DT A "H2'"  1 
ATOM 213 H "H2''" . DT A 1 7 ? 7.015   -10.333 -0.799  1.00 0.00 ? 7  DT A "H2''" 1 
ATOM 214 H "H1'"  . DT A 1 7 ? 6.406   -8.617  0.577   1.00 0.00 ? 7  DT A "H1'"  1 
ATOM 215 H H3     . DT A 1 7 ? 2.144   -7.586  -0.682  1.00 0.00 ? 7  DT A H3     1 
ATOM 216 H H71    . DT A 1 7 ? 4.037   -5.690  -4.705  1.00 0.00 ? 7  DT A H71    1 
ATOM 217 H H72    . DT A 1 7 ? 5.502   -6.681  -4.880  1.00 0.00 ? 7  DT A H72    1 
ATOM 218 H H73    . DT A 1 7 ? 3.906   -7.395  -5.169  1.00 0.00 ? 7  DT A H73    1 
ATOM 219 H H6     . DT A 1 7 ? 6.434   -7.423  -2.805  1.00 0.00 ? 7  DT A H6     1 
ATOM 220 P P      . DG A 1 8 ? 9.420   -11.563 0.308   1.00 0.00 ? 8  DG A P      1 
ATOM 221 O OP1    . DG A 1 8 ? 10.143  -12.014 1.518   1.00 0.00 ? 8  DG A OP1    1 
ATOM 222 O OP2    . DG A 1 8 ? 9.989   -11.845 -1.028  1.00 0.00 ? 8  DG A OP2    1 
ATOM 223 O "O5'"  . DG A 1 8 ? 7.931   -12.191 0.356   1.00 0.00 ? 8  DG A "O5'"  1 
ATOM 224 C "C5'"  . DG A 1 8 ? 7.222   -12.342 1.571   1.00 0.00 ? 8  DG A "C5'"  1 
ATOM 225 C "C4'"  . DG A 1 8 ? 5.785   -12.837 1.339   1.00 0.00 ? 8  DG A "C4'"  1 
ATOM 226 O "O4'"  . DG A 1 8 ? 4.937   -11.820 0.827   1.00 0.00 ? 8  DG A "O4'"  1 
ATOM 227 C "C3'"  . DG A 1 8 ? 5.664   -13.993 0.338   1.00 0.00 ? 8  DG A "C3'"  1 
ATOM 228 O "O3'"  . DG A 1 8 ? 5.705   -15.244 0.991   1.00 0.00 ? 8  DG A "O3'"  1 
ATOM 229 C "C2'"  . DG A 1 8 ? 4.316   -13.762 -0.344  1.00 0.00 ? 8  DG A "C2'"  1 
ATOM 230 C "C1'"  . DG A 1 8 ? 3.803   -12.441 0.235   1.00 0.00 ? 8  DG A "C1'"  1 
ATOM 231 N N9     . DG A 1 8 ? 3.246   -11.590 -0.841  1.00 0.00 ? 8  DG A N9     1 
ATOM 232 C C8     . DG A 1 8 ? 3.919   -11.011 -1.882  1.00 0.00 ? 8  DG A C8     1 
ATOM 233 N N7     . DG A 1 8 ? 3.168   -10.340 -2.706  1.00 0.00 ? 8  DG A N7     1 
ATOM 234 C C5     . DG A 1 8 ? 1.889   -10.496 -2.184  1.00 0.00 ? 8  DG A C5     1 
ATOM 235 C C6     . DG A 1 8 ? 0.638   -10.006 -2.666  1.00 0.00 ? 8  DG A C6     1 
ATOM 236 O O6     . DG A 1 8 ? 0.433   -9.277  -3.633  1.00 0.00 ? 8  DG A O6     1 
ATOM 237 N N1     . DG A 1 8 ? -0.438  -10.478 -1.923  1.00 0.00 ? 8  DG A N1     1 
ATOM 238 C C2     . DG A 1 8 ? -0.327  -11.306 -0.821  1.00 0.00 ? 8  DG A C2     1 
ATOM 239 N N2     . DG A 1 8 ? -1.464  -11.670 -0.219  1.00 0.00 ? 8  DG A N2     1 
ATOM 240 N N3     . DG A 1 8 ? 0.852   -11.736 -0.342  1.00 0.00 ? 8  DG A N3     1 
ATOM 241 C C4     . DG A 1 8 ? 1.919   -11.299 -1.066  1.00 0.00 ? 8  DG A C4     1 
ATOM 242 H "H5'"  . DG A 1 8 ? 7.187   -11.392 2.105   1.00 0.00 ? 8  DG A "H5'"  1 
ATOM 243 H "H5''" . DG A 1 8 ? 7.744   -13.076 2.187   1.00 0.00 ? 8  DG A "H5''" 1 
ATOM 244 H "H4'"  . DG A 1 8 ? 5.418   -13.163 2.316   1.00 0.00 ? 8  DG A "H4'"  1 
ATOM 245 H "H3'"  . DG A 1 8 ? 6.436   -13.944 -0.429  1.00 0.00 ? 8  DG A "H3'"  1 
ATOM 246 H "HO3'" . DG A 1 8 ? 6.570   -15.348 1.393   1.00 0.00 ? 8  DG A "HO3'" 1 
ATOM 247 H "H2'"  . DG A 1 8 ? 4.482   -13.665 -1.419  1.00 0.00 ? 8  DG A "H2'"  1 
ATOM 248 H "H2''" . DG A 1 8 ? 3.609   -14.569 -0.146  1.00 0.00 ? 8  DG A "H2''" 1 
ATOM 249 H "H1'"  . DG A 1 8 ? 3.023   -12.639 0.975   1.00 0.00 ? 8  DG A "H1'"  1 
ATOM 250 H H8     . DG A 1 8 ? 4.980   -11.132 -2.007  1.00 0.00 ? 8  DG A H8     1 
ATOM 251 H H1     . DG A 1 8 ? -1.357  -10.169 -2.214  1.00 0.00 ? 8  DG A H1     1 
ATOM 252 H H21    . DG A 1 8 ? -2.357  -11.358 -0.580  1.00 0.00 ? 8  DG A H21    1 
ATOM 253 H H22    . DG A 1 8 ? -1.427  -12.251 0.606   1.00 0.00 ? 8  DG A H22    1 
ATOM 254 O "O5'"  . C  B 2 1 ? -8.620  -6.697  -2.810  1.00 0.00 ? 9  C  B "O5'"  1 
ATOM 255 C "C5'"  . C  B 2 1 ? -9.380  -7.876  -2.653  1.00 0.00 ? 9  C  B "C5'"  1 
ATOM 256 C "C4'"  . C  B 2 1 ? -8.534  -9.035  -2.112  1.00 0.00 ? 9  C  B "C4'"  1 
ATOM 257 O "O4'"  . C  B 2 1 ? -7.562  -9.483  -3.042  1.00 0.00 ? 9  C  B "O4'"  1 
ATOM 258 C "C3'"  . C  B 2 1 ? -7.761  -8.703  -0.839  1.00 0.00 ? 9  C  B "C3'"  1 
ATOM 259 O "O3'"  . C  B 2 1 ? -8.624  -8.667  0.282   1.00 0.00 ? 9  C  B "O3'"  1 
ATOM 260 C "C2'"  . C  B 2 1 ? -6.776  -9.864  -0.833  1.00 0.00 ? 9  C  B "C2'"  1 
ATOM 261 O "O2'"  . C  B 2 1 ? -7.414  -11.059 -0.428  1.00 0.00 ? 9  C  B "O2'"  1 
ATOM 262 C "C1'"  . C  B 2 1 ? -6.425  -9.955  -2.324  1.00 0.00 ? 9  C  B "C1'"  1 
ATOM 263 N N1     . C  B 2 1 ? -5.208  -9.152  -2.652  1.00 0.00 ? 9  C  B N1     1 
ATOM 264 C C2     . C  B 2 1 ? -3.961  -9.704  -2.348  1.00 0.00 ? 9  C  B C2     1 
ATOM 265 O O2     . C  B 2 1 ? -3.866  -10.747 -1.703  1.00 0.00 ? 9  C  B O2     1 
ATOM 266 N N3     . C  B 2 1 ? -2.840  -9.077  -2.805  1.00 0.00 ? 9  C  B N3     1 
ATOM 267 C C4     . C  B 2 1 ? -2.916  -7.927  -3.489  1.00 0.00 ? 9  C  B C4     1 
ATOM 268 N N4     . C  B 2 1 ? -1.791  -7.383  -3.965  1.00 0.00 ? 9  C  B N4     1 
ATOM 269 C C5     . C  B 2 1 ? -4.179  -7.296  -3.744  1.00 0.00 ? 9  C  B C5     1 
ATOM 270 C C6     . C  B 2 1 ? -5.287  -7.945  -3.312  1.00 0.00 ? 9  C  B C6     1 
ATOM 271 H "H5'"  . C  B 2 1 ? -9.804  -8.159  -3.616  1.00 0.00 ? 9  C  B "H5'"  1 
ATOM 272 H "H5''" . C  B 2 1 ? -10.194 -7.672  -1.956  1.00 0.00 ? 9  C  B "H5''" 1 
ATOM 273 H "H4'"  . C  B 2 1 ? -9.202  -9.874  -1.911  1.00 0.00 ? 9  C  B "H4'"  1 
ATOM 274 H "H3'"  . C  B 2 1 ? -7.194  -7.776  -0.956  1.00 0.00 ? 9  C  B "H3'"  1 
ATOM 275 H "H2'"  . C  B 2 1 ? -5.912  -9.676  -0.201  1.00 0.00 ? 9  C  B "H2'"  1 
ATOM 276 H "HO2'" . C  B 2 1 ? -7.793  -10.918 0.443   1.00 0.00 ? 9  C  B "HO2'" 1 
ATOM 277 H "H1'"  . C  B 2 1 ? -6.252  -10.996 -2.605  1.00 0.00 ? 9  C  B "H1'"  1 
ATOM 278 H H41    . C  B 2 1 ? -0.909  -7.851  -3.804  1.00 0.00 ? 9  C  B H41    1 
ATOM 279 H H42    . C  B 2 1 ? -1.824  -6.530  -4.502  1.00 0.00 ? 9  C  B H42    1 
ATOM 280 H H5     . C  B 2 1 ? -4.282  -6.356  -4.266  1.00 0.00 ? 9  C  B H5     1 
ATOM 281 H H6     . C  B 2 1 ? -6.244  -7.493  -3.518  1.00 0.00 ? 9  C  B H6     1 
ATOM 282 H "HO5'" . C  B 2 1 ? -8.377  -6.371  -1.940  1.00 0.00 ? 9  C  B "HO5'" 1 
ATOM 283 P P      . A  B 2 2 ? -8.313  -7.734  1.558   1.00 0.00 ? 10 A  B P      1 
ATOM 284 O OP1    . A  B 2 2 ? -9.446  -7.859  2.502   1.00 0.00 ? 10 A  B OP1    1 
ATOM 285 O OP2    . A  B 2 2 ? -7.914  -6.399  1.061   1.00 0.00 ? 10 A  B OP2    1 
ATOM 286 O "O5'"  . A  B 2 2 ? -7.022  -8.436  2.214   1.00 0.00 ? 10 A  B "O5'"  1 
ATOM 287 C "C5'"  . A  B 2 2 ? -7.133  -9.628  2.961   1.00 0.00 ? 10 A  B "C5'"  1 
ATOM 288 C "C4'"  . A  B 2 2 ? -5.750  -10.139 3.368   1.00 0.00 ? 10 A  B "C4'"  1 
ATOM 289 O "O4'"  . A  B 2 2 ? -4.916  -10.449 2.252   1.00 0.00 ? 10 A  B "O4'"  1 
ATOM 290 C "C3'"  . A  B 2 2 ? -4.951  -9.148  4.218   1.00 0.00 ? 10 A  B "C3'"  1 
ATOM 291 O "O3'"  . A  B 2 2 ? -5.339  -9.085  5.576   1.00 0.00 ? 10 A  B "O3'"  1 
ATOM 292 C "C2'"  . A  B 2 2 ? -3.595  -9.813  4.067   1.00 0.00 ? 10 A  B "C2'"  1 
ATOM 293 O "O2'"  . A  B 2 2 ? -3.563  -11.055 4.747   1.00 0.00 ? 10 A  B "O2'"  1 
ATOM 294 C "C1'"  . A  B 2 2 ? -3.583  -10.056 2.570   1.00 0.00 ? 10 A  B "C1'"  1 
ATOM 295 N N9     . A  B 2 2 ? -3.131  -8.940  1.701   1.00 0.00 ? 10 A  B N9     1 
ATOM 296 C C8     . A  B 2 2 ? -3.870  -8.109  0.889   1.00 0.00 ? 10 A  B C8     1 
ATOM 297 N N7     . A  B 2 2 ? -3.168  -7.444  0.013   1.00 0.00 ? 10 A  B N7     1 
ATOM 298 C C5     . A  B 2 2 ? -1.863  -7.845  0.266   1.00 0.00 ? 10 A  B C5     1 
ATOM 299 C C6     . A  B 2 2 ? -0.623  -7.514  -0.319  1.00 0.00 ? 10 A  B C6     1 
ATOM 300 N N6     . A  B 2 2 ? -0.505  -6.669  -1.346  1.00 0.00 ? 10 A  B N6     1 
ATOM 301 N N1     . A  B 2 2 ? 0.494   -8.073  0.181   1.00 0.00 ? 10 A  B N1     1 
ATOM 302 C C2     . A  B 2 2 ? 0.391   -8.918  1.203   1.00 0.00 ? 10 A  B C2     1 
ATOM 303 N N3     . A  B 2 2 ? -0.711  -9.322  1.829   1.00 0.00 ? 10 A  B N3     1 
ATOM 304 C C4     . A  B 2 2 ? -1.825  -8.739  1.306   1.00 0.00 ? 10 A  B C4     1 
ATOM 305 H "H5'"  . A  B 2 2 ? -7.632  -10.397 2.372   1.00 0.00 ? 10 A  B "H5'"  1 
ATOM 306 H "H5''" . A  B 2 2 ? -7.717  -9.440  3.863   1.00 0.00 ? 10 A  B "H5''" 1 
ATOM 307 H "H4'"  . A  B 2 2 ? -5.904  -11.057 3.937   1.00 0.00 ? 10 A  B "H4'"  1 
ATOM 308 H "H3'"  . A  B 2 2 ? -4.948  -8.163  3.747   1.00 0.00 ? 10 A  B "H3'"  1 
ATOM 309 H "H2'"  . A  B 2 2 ? -2.742  -9.259  4.401   1.00 0.00 ? 10 A  B "H2'"  1 
ATOM 310 H "HO2'" . A  B 2 2 ? -3.794  -10.901 5.666   1.00 0.00 ? 10 A  B "HO2'" 1 
ATOM 311 H "H1'"  . A  B 2 2 ? -2.823  -10.806 2.444   1.00 0.00 ? 10 A  B "H1'"  1 
ATOM 312 H H8     . A  B 2 2 ? -4.944  -8.028  0.928   1.00 0.00 ? 10 A  B H8     1 
ATOM 313 H H61    . A  B 2 2 ? 0.402   -6.498  -1.761  1.00 0.00 ? 10 A  B H61    1 
ATOM 314 H H62    . A  B 2 2 ? -1.332  -6.239  -1.732  1.00 0.00 ? 10 A  B H62    1 
ATOM 315 H H2     . A  B 2 2 ? 1.320   -9.345  1.548   1.00 0.00 ? 10 A  B H2     1 
ATOM 316 P P      . U  B 2 3 ? -4.911  -7.833  6.502   1.00 0.00 ? 11 U  B P      1 
ATOM 317 O OP1    . U  B 2 3 ? -5.210  -8.184  7.908   1.00 0.00 ? 11 U  B OP1    1 
ATOM 318 O OP2    . U  B 2 3 ? -5.504  -6.614  5.910   1.00 0.00 ? 11 U  B OP2    1 
ATOM 319 O "O5'"  . U  B 2 3 ? -3.306  -7.729  6.332   1.00 0.00 ? 11 U  B "O5'"  1 
ATOM 320 C "C5'"  . U  B 2 3 ? -2.423  -8.582  7.035   1.00 0.00 ? 11 U  B "C5'"  1 
ATOM 321 C "C4'"  . U  B 2 3 ? -0.956  -8.303  6.680   1.00 0.00 ? 11 U  B "C4'"  1 
ATOM 322 O "O4'"  . U  B 2 3 ? -0.586  -8.596  5.328   1.00 0.00 ? 11 U  B "O4'"  1 
ATOM 323 C "C3'"  . U  B 2 3 ? -0.541  -6.847  6.888   1.00 0.00 ? 11 U  B "C3'"  1 
ATOM 324 O "O3'"  . U  B 2 3 ? -0.363  -6.464  8.238   1.00 0.00 ? 11 U  B "O3'"  1 
ATOM 325 C "C2'"  . U  B 2 3 ? 0.790   -6.927  6.165   1.00 0.00 ? 11 U  B "C2'"  1 
ATOM 326 O "O2'"  . U  B 2 3 ? 1.711   -7.747  6.860   1.00 0.00 ? 11 U  B "O2'"  1 
ATOM 327 C "C1'"  . U  B 2 3 ? 0.373   -7.628  4.893   1.00 0.00 ? 11 U  B "C1'"  1 
ATOM 328 N N1     . U  B 2 3 ? -0.133  -6.713  3.825   1.00 0.00 ? 11 U  B N1     1 
ATOM 329 C C2     . U  B 2 3 ? 0.813   -6.075  3.021   1.00 0.00 ? 11 U  B C2     1 
ATOM 330 O O2     . U  B 2 3 ? 2.027   -6.205  3.171   1.00 0.00 ? 11 U  B O2     1 
ATOM 331 N N3     . U  B 2 3 ? 0.320   -5.271  2.006   1.00 0.00 ? 11 U  B N3     1 
ATOM 332 C C4     . U  B 2 3 ? -1.009  -4.952  1.786   1.00 0.00 ? 11 U  B C4     1 
ATOM 333 O O4     . U  B 2 3 ? -1.317  -4.250  0.827   1.00 0.00 ? 11 U  B O4     1 
ATOM 334 C C5     . U  B 2 3 ? -1.927  -5.729  2.592   1.00 0.00 ? 11 U  B C5     1 
ATOM 335 C C6     . U  B 2 3 ? -1.475  -6.575  3.550   1.00 0.00 ? 11 U  B C6     1 
ATOM 336 H "H5'"  . U  B 2 3 ? -2.648  -9.626  6.826   1.00 0.00 ? 11 U  B "H5'"  1 
ATOM 337 H "H5''" . U  B 2 3 ? -2.548  -8.411  8.106   1.00 0.00 ? 11 U  B "H5''" 1 
ATOM 338 H "H4'"  . U  B 2 3 ? -0.360  -8.945  7.330   1.00 0.00 ? 11 U  B "H4'"  1 
ATOM 339 H "H3'"  . U  B 2 3 ? -1.233  -6.198  6.345   1.00 0.00 ? 11 U  B "H3'"  1 
ATOM 340 H "H2'"  . U  B 2 3 ? 1.260   -5.991  5.955   1.00 0.00 ? 11 U  B "H2'"  1 
ATOM 341 H "HO2'" . U  B 2 3 ? 1.641   -7.555  7.797   1.00 0.00 ? 11 U  B "HO2'" 1 
ATOM 342 H "H1'"  . U  B 2 3 ? 1.315   -8.014  4.544   1.00 0.00 ? 11 U  B "H1'"  1 
ATOM 343 H H3     . U  B 2 3 ? 1.011   -4.813  1.429   1.00 0.00 ? 11 U  B H3     1 
ATOM 344 H H5     . U  B 2 3 ? -2.989  -5.651  2.408   1.00 0.00 ? 11 U  B H5     1 
ATOM 345 H H6     . U  B 2 3 ? -2.192  -7.209  4.040   1.00 0.00 ? 11 U  B H6     1 
ATOM 346 P P      . G  B 2 4 ? -0.106  -4.918  8.643   1.00 0.00 ? 12 G  B P      1 
ATOM 347 O OP1    . G  B 2 4 ? 0.151   -4.871  10.100  1.00 0.00 ? 12 G  B OP1    1 
ATOM 348 O OP2    . G  B 2 4 ? -1.208  -4.114  8.071   1.00 0.00 ? 12 G  B OP2    1 
ATOM 349 O "O5'"  . G  B 2 4 ? 1.256   -4.498  7.876   1.00 0.00 ? 12 G  B "O5'"  1 
ATOM 350 C "C5'"  . G  B 2 4 ? 2.530   -4.913  8.329   1.00 0.00 ? 12 G  B "C5'"  1 
ATOM 351 C "C4'"  . G  B 2 4 ? 3.662   -4.465  7.392   1.00 0.00 ? 12 G  B "C4'"  1 
ATOM 352 O "O4'"  . G  B 2 4 ? 3.615   -4.939  6.039   1.00 0.00 ? 12 G  B "O4'"  1 
ATOM 353 C "C3'"  . G  B 2 4 ? 3.752   -2.950  7.258   1.00 0.00 ? 12 G  B "C3'"  1 
ATOM 354 O "O3'"  . G  B 2 4 ? 4.237   -2.294  8.413   1.00 0.00 ? 12 G  B "O3'"  1 
ATOM 355 C "C2'"  . G  B 2 4 ? 4.770   -2.923  6.129   1.00 0.00 ? 12 G  B "C2'"  1 
ATOM 356 O "O2'"  . G  B 2 4 ? 6.032   -3.432  6.522   1.00 0.00 ? 12 G  B "O2'"  1 
ATOM 357 C "C1'"  . G  B 2 4 ? 4.101   -3.893  5.184   1.00 0.00 ? 12 G  B "C1'"  1 
ATOM 358 N N9     . G  B 2 4 ? 3.020   -3.301  4.365   1.00 0.00 ? 12 G  B N9     1 
ATOM 359 C C8     . G  B 2 4 ? 1.667   -3.410  4.524   1.00 0.00 ? 12 G  B C8     1 
ATOM 360 N N7     . G  B 2 4 ? 0.964   -2.882  3.562   1.00 0.00 ? 12 G  B N7     1 
ATOM 361 C C5     . G  B 2 4 ? 1.924   -2.422  2.666   1.00 0.00 ? 12 G  B C5     1 
ATOM 362 C C6     . G  B 2 4 ? 1.774   -1.799  1.389   1.00 0.00 ? 12 G  B C6     1 
ATOM 363 O O6     . G  B 2 4 ? 0.733   -1.532  0.792   1.00 0.00 ? 12 G  B O6     1 
ATOM 364 N N1     . G  B 2 4 ? 2.999   -1.487  0.802   1.00 0.00 ? 12 G  B N1     1 
ATOM 365 C C2     . G  B 2 4 ? 4.229   -1.752  1.377   1.00 0.00 ? 12 G  B C2     1 
ATOM 366 N N2     . G  B 2 4 ? 5.321   -1.381  0.701   1.00 0.00 ? 12 G  B N2     1 
ATOM 367 N N3     . G  B 2 4 ? 4.371   -2.358  2.565   1.00 0.00 ? 12 G  B N3     1 
ATOM 368 C C4     . G  B 2 4 ? 3.186   -2.669  3.155   1.00 0.00 ? 12 G  B C4     1 
ATOM 369 H "H5'"  . G  B 2 4 ? 2.573   -5.994  8.441   1.00 0.00 ? 12 G  B "H5'"  1 
ATOM 370 H "H5''" . G  B 2 4 ? 2.711   -4.471  9.309   1.00 0.00 ? 12 G  B "H5''" 1 
ATOM 371 H "H4'"  . G  B 2 4 ? 4.582   -4.842  7.842   1.00 0.00 ? 12 G  B "H4'"  1 
ATOM 372 H "H3'"  . G  B 2 4 ? 2.774   -2.586  6.918   1.00 0.00 ? 12 G  B "H3'"  1 
ATOM 373 H "H2'"  . G  B 2 4 ? 4.952   -1.982  5.656   1.00 0.00 ? 12 G  B "H2'"  1 
ATOM 374 H "HO2'" . G  B 2 4 ? 6.609   -3.439  5.756   1.00 0.00 ? 12 G  B "HO2'" 1 
ATOM 375 H "H1'"  . G  B 2 4 ? 4.866   -4.118  4.462   1.00 0.00 ? 12 G  B "H1'"  1 
ATOM 376 H H8     . G  B 2 4 ? 1.244   -3.936  5.360   1.00 0.00 ? 12 G  B H8     1 
ATOM 377 H H1     . G  B 2 4 ? 2.963   -1.046  -0.108  1.00 0.00 ? 12 G  B H1     1 
ATOM 378 H H21    . G  B 2 4 ? 5.237   -0.905  -0.187  1.00 0.00 ? 12 G  B H21    1 
ATOM 379 H H22    . G  B 2 4 ? 6.233   -1.563  1.094   1.00 0.00 ? 12 G  B H22    1 
ATOM 380 P P      . U  B 2 5 ? 4.110   -0.693  8.582   1.00 0.00 ? 13 U  B P      1 
ATOM 381 O OP1    . U  B 2 5 ? 4.907   -0.295  9.763   1.00 0.00 ? 13 U  B OP1    1 
ATOM 382 O OP2    . U  B 2 5 ? 2.672   -0.350  8.521   1.00 0.00 ? 13 U  B OP2    1 
ATOM 383 O "O5'"  . U  B 2 5 ? 4.812   -0.078  7.263   1.00 0.00 ? 13 U  B "O5'"  1 
ATOM 384 C "C5'"  . U  B 2 5 ? 6.216   -0.067  7.087   1.00 0.00 ? 13 U  B "C5'"  1 
ATOM 385 C "C4'"  . U  B 2 5 ? 6.612   0.565   5.743   1.00 0.00 ? 13 U  B "C4'"  1 
ATOM 386 O "O4'"  . U  B 2 5 ? 6.205   -0.126  4.553   1.00 0.00 ? 13 U  B "O4'"  1 
ATOM 387 C "C3'"  . U  B 2 5 ? 6.043   1.970   5.571   1.00 0.00 ? 13 U  B "C3'"  1 
ATOM 388 O "O3'"  . U  B 2 5 ? 6.666   2.961   6.364   1.00 0.00 ? 13 U  B "O3'"  1 
ATOM 389 C "C2'"  . U  B 2 5 ? 6.381   2.137   4.102   1.00 0.00 ? 13 U  B "C2'"  1 
ATOM 390 O "O2'"  . U  B 2 5 ? 7.781   2.153   3.880   1.00 0.00 ? 13 U  B "O2'"  1 
ATOM 391 C "C1'"  . U  B 2 5 ? 5.803   0.843   3.572   1.00 0.00 ? 13 U  B "C1'"  1 
ATOM 392 N N1     . U  B 2 5 ? 4.327   0.877   3.339   1.00 0.00 ? 13 U  B N1     1 
ATOM 393 C C2     . U  B 2 5 ? 3.861   1.413   2.136   1.00 0.00 ? 13 U  B C2     1 
ATOM 394 O O2     . U  B 2 5 ? 4.600   1.876   1.269   1.00 0.00 ? 13 U  B O2     1 
ATOM 395 N N3     . U  B 2 5 ? 2.489   1.395   1.945   1.00 0.00 ? 13 U  B N3     1 
ATOM 396 C C4     . U  B 2 5 ? 1.538   1.018   2.880   1.00 0.00 ? 13 U  B C4     1 
ATOM 397 O O4     . U  B 2 5 ? 0.344   1.063   2.594   1.00 0.00 ? 13 U  B O4     1 
ATOM 398 C C5     . U  B 2 5 ? 2.102   0.354   4.034   1.00 0.00 ? 13 U  B C5     1 
ATOM 399 C C6     . U  B 2 5 ? 3.443   0.292   4.214   1.00 0.00 ? 13 U  B C6     1 
ATOM 400 H "H5'"  . U  B 2 5 ? 6.628   -1.071  7.150   1.00 0.00 ? 13 U  B "H5'"  1 
ATOM 401 H "H5''" . U  B 2 5 ? 6.661   0.533   7.882   1.00 0.00 ? 13 U  B "H5''" 1 
ATOM 402 H "H4'"  . U  B 2 5 ? 7.703   0.609   5.743   1.00 0.00 ? 13 U  B "H4'"  1 
ATOM 403 H "H3'"  . U  B 2 5 ? 4.959   1.908   5.714   1.00 0.00 ? 13 U  B "H3'"  1 
ATOM 404 H "H2'"  . U  B 2 5 ? 5.976   2.997   3.612   1.00 0.00 ? 13 U  B "H2'"  1 
ATOM 405 H "HO2'" . U  B 2 5 ? 8.180   2.757   4.510   1.00 0.00 ? 13 U  B "HO2'" 1 
ATOM 406 H "H1'"  . U  B 2 5 ? 6.253   0.773   2.598   1.00 0.00 ? 13 U  B "H1'"  1 
ATOM 407 H H3     . U  B 2 5 ? 2.152   1.807   1.087   1.00 0.00 ? 13 U  B H3     1 
ATOM 408 H H5     . U  B 2 5 ? 1.445   -0.120  4.749   1.00 0.00 ? 13 U  B H5     1 
ATOM 409 H H6     . U  B 2 5 ? 3.826   -0.296  5.026   1.00 0.00 ? 13 U  B H6     1 
ATOM 410 P P      . G  B 2 6 ? 6.022   4.437   6.517   1.00 0.00 ? 14 G  B P      1 
ATOM 411 O OP1    . G  B 2 6 ? 6.960   5.258   7.310   1.00 0.00 ? 14 G  B OP1    1 
ATOM 412 O OP2    . G  B 2 6 ? 4.625   4.273   6.976   1.00 0.00 ? 14 G  B OP2    1 
ATOM 413 O "O5'"  . G  B 2 6 ? 5.975   5.031   5.013   1.00 0.00 ? 14 G  B "O5'"  1 
ATOM 414 C "C5'"  . G  B 2 6 ? 7.144   5.475   4.349   1.00 0.00 ? 14 G  B "C5'"  1 
ATOM 415 C "C4'"  . G  B 2 6 ? 6.837   5.979   2.933   1.00 0.00 ? 14 G  B "C4'"  1 
ATOM 416 O "O4'"  . G  B 2 6 ? 6.272   5.019   2.035   1.00 0.00 ? 14 G  B "O4'"  1 
ATOM 417 C "C3'"  . G  B 2 6 ? 5.861   7.151   2.926   1.00 0.00 ? 14 G  B "C3'"  1 
ATOM 418 O "O3'"  . G  B 2 6 ? 6.439   8.371   3.347   1.00 0.00 ? 14 G  B "O3'"  1 
ATOM 419 C "C2'"  . G  B 2 6 ? 5.563   7.161   1.437   1.00 0.00 ? 14 G  B "C2'"  1 
ATOM 420 O "O2'"  . G  B 2 6 ? 6.703   7.537   0.684   1.00 0.00 ? 14 G  B "O2'"  1 
ATOM 421 C "C1'"  . G  B 2 6 ? 5.292   5.685   1.231   1.00 0.00 ? 14 G  B "C1'"  1 
ATOM 422 N N9     . G  B 2 6 ? 3.922   5.246   1.575   1.00 0.00 ? 14 G  B N9     1 
ATOM 423 C C8     . G  B 2 6 ? 3.494   4.470   2.620   1.00 0.00 ? 14 G  B C8     1 
ATOM 424 N N7     . G  B 2 6 ? 2.226   4.172   2.583   1.00 0.00 ? 14 G  B N7     1 
ATOM 425 C C5     . G  B 2 6 ? 1.794   4.710   1.379   1.00 0.00 ? 14 G  B C5     1 
ATOM 426 C C6     . G  B 2 6 ? 0.527   4.610   0.727   1.00 0.00 ? 14 G  B C6     1 
ATOM 427 O O6     . G  B 2 6 ? -0.484  4.036   1.125   1.00 0.00 ? 14 G  B O6     1 
ATOM 428 N N1     . G  B 2 6 ? 0.528   5.207   -0.535  1.00 0.00 ? 14 G  B N1     1 
ATOM 429 C C2     . G  B 2 6 ? 1.622   5.845   -1.095  1.00 0.00 ? 14 G  B C2     1 
ATOM 430 N N2     . G  B 2 6 ? 1.471   6.401   -2.301  1.00 0.00 ? 14 G  B N2     1 
ATOM 431 N N3     . G  B 2 6 ? 2.813   5.931   -0.486  1.00 0.00 ? 14 G  B N3     1 
ATOM 432 C C4     . G  B 2 6 ? 2.835   5.341   0.740   1.00 0.00 ? 14 G  B C4     1 
ATOM 433 H "H5'"  . G  B 2 6 ? 7.881   4.680   4.290   1.00 0.00 ? 14 G  B "H5'"  1 
ATOM 434 H "H5''" . G  B 2 6 ? 7.579   6.302   4.914   1.00 0.00 ? 14 G  B "H5''" 1 
ATOM 435 H "H4'"  . G  B 2 6 ? 7.789   6.304   2.509   1.00 0.00 ? 14 G  B "H4'"  1 
ATOM 436 H "H3'"  . G  B 2 6 ? 4.969   6.867   3.495   1.00 0.00 ? 14 G  B "H3'"  1 
ATOM 437 H "H2'"  . G  B 2 6 ? 4.747   7.778   1.115   1.00 0.00 ? 14 G  B "H2'"  1 
ATOM 438 H "HO2'" . G  B 2 6 ? 7.045   8.358   1.045   1.00 0.00 ? 14 G  B "HO2'" 1 
ATOM 439 H "H1'"  . G  B 2 6 ? 5.335   5.559   0.163   1.00 0.00 ? 14 G  B "H1'"  1 
ATOM 440 H H8     . G  B 2 6 ? 4.160   4.073   3.369   1.00 0.00 ? 14 G  B H8     1 
ATOM 441 H H1     . G  B 2 6 ? -0.340  5.164   -1.054  1.00 0.00 ? 14 G  B H1     1 
ATOM 442 H H21    . G  B 2 6 ? 0.580   6.364   -2.775  1.00 0.00 ? 14 G  B H21    1 
ATOM 443 H H22    . G  B 2 6 ? 2.255   6.866   -2.732  1.00 0.00 ? 14 G  B H22    1 
ATOM 444 P P      . A  B 2 7 ? 5.524   9.644   3.728   1.00 0.00 ? 15 A  B P      1 
ATOM 445 O OP1    . A  B 2 7 ? 6.422   10.801  3.941   1.00 0.00 ? 15 A  B OP1    1 
ATOM 446 O OP2    . A  B 2 7 ? 4.599   9.227   4.804   1.00 0.00 ? 15 A  B OP2    1 
ATOM 447 O "O5'"  . A  B 2 7 ? 4.644   9.920   2.403   1.00 0.00 ? 15 A  B "O5'"  1 
ATOM 448 C "C5'"  . A  B 2 7 ? 5.164   10.592  1.271   1.00 0.00 ? 15 A  B "C5'"  1 
ATOM 449 C "C4'"  . A  B 2 7 ? 4.075   10.770  0.204   1.00 0.00 ? 15 A  B "C4'"  1 
ATOM 450 O "O4'"  . A  B 2 7 ? 3.591   9.553   -0.362  1.00 0.00 ? 15 A  B "O4'"  1 
ATOM 451 C "C3'"  . A  B 2 7 ? 2.843   11.468  0.768   1.00 0.00 ? 15 A  B "C3'"  1 
ATOM 452 O "O3'"  . A  B 2 7 ? 3.023   12.858  0.967   1.00 0.00 ? 15 A  B "O3'"  1 
ATOM 453 C "C2'"  . A  B 2 7 ? 1.882   11.158  -0.364  1.00 0.00 ? 15 A  B "C2'"  1 
ATOM 454 O "O2'"  . A  B 2 7 ? 2.140   11.937  -1.515  1.00 0.00 ? 15 A  B "O2'"  1 
ATOM 455 C "C1'"  . A  B 2 7 ? 2.198   9.702   -0.637  1.00 0.00 ? 15 A  B "C1'"  1 
ATOM 456 N N9     . A  B 2 7 ? 1.363   8.836   0.224   1.00 0.00 ? 15 A  B N9     1 
ATOM 457 C C8     . A  B 2 7 ? 1.710   8.194   1.377   1.00 0.00 ? 15 A  B C8     1 
ATOM 458 N N7     . A  B 2 7 ? 0.741   7.533   1.946   1.00 0.00 ? 15 A  B N7     1 
ATOM 459 C C5     . A  B 2 7 ? -0.323  7.704   1.070   1.00 0.00 ? 15 A  B C5     1 
ATOM 460 C C6     . A  B 2 7 ? -1.634  7.182   1.035   1.00 0.00 ? 15 A  B C6     1 
ATOM 461 N N6     . A  B 2 7 ? -2.126  6.377   1.984   1.00 0.00 ? 15 A  B N6     1 
ATOM 462 N N1     . A  B 2 7 ? -2.415  7.490   -0.016  1.00 0.00 ? 15 A  B N1     1 
ATOM 463 C C2     . A  B 2 7 ? -1.926  8.263   -0.983  1.00 0.00 ? 15 A  B C2     1 
ATOM 464 N N3     . A  B 2 7 ? -0.717  8.810   -1.072  1.00 0.00 ? 15 A  B N3     1 
ATOM 465 C C4     . A  B 2 7 ? 0.051   8.484   0.003   1.00 0.00 ? 15 A  B C4     1 
ATOM 466 H "H5'"  . A  B 2 7 ? 6.004   10.050  0.844   1.00 0.00 ? 15 A  B "H5'"  1 
ATOM 467 H "H5''" . A  B 2 7 ? 5.508   11.583  1.570   1.00 0.00 ? 15 A  B "H5''" 1 
ATOM 468 H "H4'"  . A  B 2 7 ? 4.489   11.374  -0.605  1.00 0.00 ? 15 A  B "H4'"  1 
ATOM 469 H "H3'"  . A  B 2 7 ? 2.513   10.955  1.674   1.00 0.00 ? 15 A  B "H3'"  1 
ATOM 470 H "H2'"  . A  B 2 7 ? 0.857   11.231  -0.072  1.00 0.00 ? 15 A  B "H2'"  1 
ATOM 471 H "HO2'" . A  B 2 7 ? 1.501   11.699  -2.191  1.00 0.00 ? 15 A  B "HO2'" 1 
ATOM 472 H "H1'"  . A  B 2 7 ? 1.906   9.499   -1.656  1.00 0.00 ? 15 A  B "H1'"  1 
ATOM 473 H H8     . A  B 2 7 ? 2.724   8.202   1.730   1.00 0.00 ? 15 A  B H8     1 
ATOM 474 H H61    . A  B 2 7 ? -3.060  5.997   1.908   1.00 0.00 ? 15 A  B H61    1 
ATOM 475 H H62    . A  B 2 7 ? -1.532  6.103   2.754   1.00 0.00 ? 15 A  B H62    1 
ATOM 476 H H2     . A  B 2 7 ? -2.587  8.445   -1.816  1.00 0.00 ? 15 A  B H2     1 
ATOM 477 P P      . C  B 2 8 ? 2.043   13.700  1.934   1.00 0.00 ? 16 C  B P      1 
ATOM 478 O OP1    . C  B 2 8 ? 2.412   15.129  1.833   1.00 0.00 ? 16 C  B OP1    1 
ATOM 479 O OP2    . C  B 2 8 ? 2.033   13.041  3.259   1.00 0.00 ? 16 C  B OP2    1 
ATOM 480 O "O5'"  . C  B 2 8 ? 0.576   13.513  1.291   1.00 0.00 ? 16 C  B "O5'"  1 
ATOM 481 C "C5'"  . C  B 2 8 ? 0.171   14.221  0.135   1.00 0.00 ? 16 C  B "C5'"  1 
ATOM 482 C "C4'"  . C  B 2 8 ? -1.272  13.849  -0.218  1.00 0.00 ? 16 C  B "C4'"  1 
ATOM 483 O "O4'"  . C  B 2 8 ? -1.427  12.461  -0.466  1.00 0.00 ? 16 C  B "O4'"  1 
ATOM 484 C "C3'"  . C  B 2 8 ? -2.261  14.164  0.901   1.00 0.00 ? 16 C  B "C3'"  1 
ATOM 485 O "O3'"  . C  B 2 8 ? -2.590  15.536  0.975   1.00 0.00 ? 16 C  B "O3'"  1 
ATOM 486 C "C2'"  . C  B 2 8 ? -3.444  13.322  0.450   1.00 0.00 ? 16 C  B "C2'"  1 
ATOM 487 O "O2'"  . C  B 2 8 ? -4.139  13.994  -0.580  1.00 0.00 ? 16 C  B "O2'"  1 
ATOM 488 C "C1'"  . C  B 2 8 ? -2.751  12.071  -0.111  1.00 0.00 ? 16 C  B "C1'"  1 
ATOM 489 N N1     . C  B 2 8 ? -2.766  10.987  0.915   1.00 0.00 ? 16 C  B N1     1 
ATOM 490 C C2     . C  B 2 8 ? -3.980  10.336  1.145   1.00 0.00 ? 16 C  B C2     1 
ATOM 491 O O2     . C  B 2 8 ? -4.948  10.525  0.413   1.00 0.00 ? 16 C  B O2     1 
ATOM 492 N N3     . C  B 2 8 ? -4.092  9.521   2.232   1.00 0.00 ? 16 C  B N3     1 
ATOM 493 C C4     . C  B 2 8 ? -3.055  9.320   3.058   1.00 0.00 ? 16 C  B C4     1 
ATOM 494 N N4     . C  B 2 8 ? -3.218  8.515   4.112   1.00 0.00 ? 16 C  B N4     1 
ATOM 495 C C5     . C  B 2 8 ? -1.773  9.910   2.797   1.00 0.00 ? 16 C  B C5     1 
ATOM 496 C C6     . C  B 2 8 ? -1.679  10.721  1.717   1.00 0.00 ? 16 C  B C6     1 
ATOM 497 H "H5'"  . C  B 2 8 ? 0.821   13.986  -0.705  1.00 0.00 ? 16 C  B "H5'"  1 
ATOM 498 H "H5''" . C  B 2 8 ? 0.216   15.294  0.325   1.00 0.00 ? 16 C  B "H5''" 1 
ATOM 499 H "H4'"  . C  B 2 8 ? -1.566  14.391  -1.118  1.00 0.00 ? 16 C  B "H4'"  1 
ATOM 500 H "H3'"  . C  B 2 8 ? -1.900  13.799  1.864   1.00 0.00 ? 16 C  B "H3'"  1 
ATOM 501 H "HO3'" . C  B 2 8 ? -1.806  16.018  1.248   1.00 0.00 ? 16 C  B "HO3'" 1 
ATOM 502 H "H2'"  . C  B 2 8 ? -4.125  13.114  1.277   1.00 0.00 ? 16 C  B "H2'"  1 
ATOM 503 H "HO2'" . C  B 2 8 ? -4.295  14.896  -0.286  1.00 0.00 ? 16 C  B "HO2'" 1 
ATOM 504 H "H1'"  . C  B 2 8 ? -3.268  11.748  -1.015  1.00 0.00 ? 16 C  B "H1'"  1 
ATOM 505 H H41    . C  B 2 8 ? -4.116  8.077   4.265   1.00 0.00 ? 16 C  B H41    1 
ATOM 506 H H42    . C  B 2 8 ? -2.446  8.329   4.735   1.00 0.00 ? 16 C  B H42    1 
ATOM 507 H H5     . C  B 2 8 ? -0.899  9.728   3.404   1.00 0.00 ? 16 C  B H5     1 
ATOM 508 H H6     . C  B 2 8 ? -0.712  11.134  1.487   1.00 0.00 ? 16 C  B H6     1 
# 
